data_5JHH
#
_entry.id   5JHH
#
_cell.length_a   88.855
_cell.length_b   119.049
_cell.length_c   90.526
_cell.angle_alpha   90.00
_cell.angle_beta   114.39
_cell.angle_gamma   90.00
#
_symmetry.space_group_name_H-M   'P 1 21 1'
#
loop_
_entity.id
_entity.type
_entity.pdbx_description
1 polymer 'Rho guanine nucleotide exchange factor 11'
2 polymer 'Transforming protein RhoA'
3 non-polymer GLYCEROL
4 non-polymer '3-{3-[ethyl(quinolin-2-yl)amino]phenyl}propanoic acid'
5 water water
#
loop_
_entity_poly.entity_id
_entity_poly.type
_entity_poly.pdbx_seq_one_letter_code
_entity_poly.pdbx_strand_id
1 'polypeptide(L)'
;MQNWQHTVGKDVVAGLTQREIDRQEVINELFVTEASHLRTLRVLDLIFYQRMKKENLMPREELARLFPNLPELIEIHNSW
CEAMKKLREEGPIIKEISDLMLARFDGPAREELQQVAAQFCSYQSIALELIKTKQRKESRFQLFMQEAESHPQCRRLQLR
DLIISEMQRLTKYPLLLESIIKHTEGGTSEHEKLCRARDQCREILKYVNEAVKQTENRHRLEGYQKRLDATALERASNPL
AAEFKSLDLTTRKMIHEGPLTWRISKDKTLDLHVLLLEDLLVLLQKQDEKLLLKCHSKTAVGSSDSKQTFSPVLKLNAVL
IRSVATDKRAFFIICTSKLGPPQIYELVALTSSDKNTWMELLEEAVRNA
;
A,E
2 'polypeptide(L)'
;MAAIRKKLVIVGDGACGKTCLLIVFSKDQFPEVYVPTVFENYVADIEVDGKQVELALWDTAGQEDYDRLRPLSYPDTDVI
LMCFSIDSPDSLENIPEKWTPEVKHFCPNVPIILVGNKKDLRNDEHTRRELAKMKQEPVKPEEGRDMANRIGAFGYMECS
AKTKDGVREVFEMATRAALQA
;
B,F
#
loop_
_chem_comp.id
_chem_comp.type
_chem_comp.name
_chem_comp.formula
GOL non-polymer GLYCEROL 'C3 H8 O3'
RA0 non-polymer '3-{3-[ethyl(quinolin-2-yl)amino]phenyl}propanoic acid' 'C20 H20 N2 O2'
#
# COMPACT_ATOMS: atom_id res chain seq x y z
N GLN A 2 -9.68 61.36 -14.57
CA GLN A 2 -9.30 60.09 -13.90
C GLN A 2 -8.08 59.51 -14.60
N ASN A 3 -6.88 60.02 -14.27
CA ASN A 3 -5.62 59.59 -14.92
C ASN A 3 -4.62 60.75 -14.89
N TRP A 4 -3.41 60.53 -14.41
CA TRP A 4 -2.50 61.66 -14.05
C TRP A 4 -2.01 62.56 -15.21
N GLN A 5 -1.68 61.97 -16.36
CA GLN A 5 -1.17 62.71 -17.52
C GLN A 5 -2.20 63.64 -18.05
N HIS A 6 -3.44 63.25 -17.95
CA HIS A 6 -4.52 64.16 -18.11
C HIS A 6 -4.57 64.72 -16.74
N THR A 7 -5.66 65.36 -16.38
CA THR A 7 -5.81 65.89 -15.02
C THR A 7 -4.60 66.74 -14.69
N VAL A 8 -4.08 66.63 -13.48
CA VAL A 8 -2.88 67.36 -13.13
C VAL A 8 -1.79 66.96 -14.10
N GLY A 9 -0.69 67.68 -14.07
CA GLY A 9 0.47 67.35 -14.88
C GLY A 9 0.18 67.40 -16.37
N LYS A 10 -0.54 68.42 -16.81
CA LYS A 10 -0.95 68.50 -18.23
C LYS A 10 0.02 69.35 -19.03
N ASP A 11 0.40 70.51 -18.48
CA ASP A 11 1.46 71.32 -19.10
C ASP A 11 2.83 70.82 -18.66
N VAL A 12 2.84 70.06 -17.56
CA VAL A 12 4.08 69.61 -16.94
C VAL A 12 4.53 68.26 -17.48
N VAL A 13 3.71 67.65 -18.33
CA VAL A 13 4.00 66.35 -18.88
C VAL A 13 5.21 66.34 -19.83
N ALA A 14 5.31 67.33 -20.72
CA ALA A 14 6.27 67.23 -21.84
C ALA A 14 7.69 67.07 -21.32
N GLY A 15 7.98 67.81 -20.23
CA GLY A 15 9.29 67.79 -19.60
C GLY A 15 9.85 66.42 -19.27
N LEU A 16 8.99 65.40 -19.18
CA LEU A 16 9.37 64.17 -18.50
C LEU A 16 9.56 62.96 -19.42
N THR A 17 10.33 62.01 -18.91
CA THR A 17 10.52 60.73 -19.56
C THR A 17 9.30 59.81 -19.36
N GLN A 18 9.18 58.81 -20.22
CA GLN A 18 8.11 57.81 -20.13
C GLN A 18 8.12 57.08 -18.77
N ARG A 19 9.32 56.71 -18.34
CA ARG A 19 9.52 56.09 -17.04
C ARG A 19 9.00 57.00 -15.93
N GLU A 20 9.32 58.28 -15.97
CA GLU A 20 8.90 59.17 -14.90
C GLU A 20 7.41 59.52 -15.01
N ILE A 21 6.87 59.47 -16.22
CA ILE A 21 5.44 59.62 -16.40
C ILE A 21 4.75 58.43 -15.71
N ASP A 22 5.26 57.23 -15.98
CA ASP A 22 4.65 56.01 -15.50
C ASP A 22 4.73 55.90 -13.98
N ARG A 23 5.87 56.29 -13.42
CA ARG A 23 6.08 56.43 -12.00
C ARG A 23 5.03 57.33 -11.40
N GLN A 24 4.77 58.47 -12.03
CA GLN A 24 3.73 59.40 -11.54
C GLN A 24 2.34 58.81 -11.57
N GLU A 25 2.07 58.02 -12.59
CA GLU A 25 0.75 57.46 -12.74
C GLU A 25 0.46 56.50 -11.60
N VAL A 26 1.41 55.63 -11.32
CA VAL A 26 1.23 54.63 -10.29
C VAL A 26 1.10 55.28 -8.90
N ILE A 27 1.89 56.31 -8.68
CA ILE A 27 1.82 57.02 -7.44
C ILE A 27 0.47 57.70 -7.34
N ASN A 28 0.00 58.23 -8.43
CA ASN A 28 -1.27 58.84 -8.43
C ASN A 28 -2.34 57.78 -8.10
N GLU A 29 -2.29 56.61 -8.73
CA GLU A 29 -3.27 55.57 -8.45
C GLU A 29 -3.28 55.19 -6.96
N LEU A 30 -2.10 55.01 -6.39
CA LEU A 30 -1.98 54.76 -4.99
C LEU A 30 -2.70 55.80 -4.18
N PHE A 31 -2.41 57.07 -4.42
CA PHE A 31 -3.06 58.12 -3.69
C PHE A 31 -4.55 58.12 -3.88
N VAL A 32 -5.01 58.02 -5.10
CA VAL A 32 -6.43 58.15 -5.38
C VAL A 32 -7.16 56.96 -4.79
N THR A 33 -6.59 55.77 -4.89
CA THR A 33 -7.27 54.61 -4.34
C THR A 33 -7.15 54.53 -2.81
N GLU A 34 -6.18 55.19 -2.22
CA GLU A 34 -6.20 55.33 -0.76
C GLU A 34 -7.34 56.21 -0.29
N ALA A 35 -7.55 57.32 -0.95
CA ALA A 35 -8.65 58.19 -0.57
C ALA A 35 -9.96 57.45 -0.80
N SER A 36 -10.00 56.72 -1.90
CA SER A 36 -11.19 56.00 -2.20
C SER A 36 -11.47 54.93 -1.10
N HIS A 37 -10.41 54.32 -0.61
CA HIS A 37 -10.58 53.26 0.37
C HIS A 37 -11.08 53.84 1.68
N LEU A 38 -10.50 54.92 2.07
CA LEU A 38 -10.99 55.70 3.18
C LEU A 38 -12.46 56.01 3.03
N ARG A 39 -12.87 56.33 1.83
N ARG A 39 -12.89 56.31 1.83
CA ARG A 39 -14.29 56.61 1.60
CA ARG A 39 -14.29 56.65 1.60
C ARG A 39 -15.12 55.40 1.97
C ARG A 39 -15.19 55.41 1.82
N THR A 40 -14.68 54.22 1.53
CA THR A 40 -15.42 53.01 1.80
C THR A 40 -15.50 52.73 3.29
N LEU A 41 -14.43 52.97 4.02
CA LEU A 41 -14.52 52.76 5.43
C LEU A 41 -15.52 53.70 6.09
N ARG A 42 -15.62 54.93 5.58
CA ARG A 42 -16.54 55.90 6.19
C ARG A 42 -17.96 55.60 5.83
N VAL A 43 -18.15 54.92 4.71
CA VAL A 43 -19.45 54.36 4.40
C VAL A 43 -19.79 53.27 5.41
N LEU A 44 -18.84 52.39 5.72
CA LEU A 44 -19.12 51.37 6.68
C LEU A 44 -19.52 52.02 8.00
N ASP A 45 -18.83 53.10 8.33
CA ASP A 45 -19.07 53.75 9.62
C ASP A 45 -20.45 54.37 9.67
N LEU A 46 -20.76 55.16 8.67
CA LEU A 46 -21.90 55.99 8.77
C LEU A 46 -23.16 55.20 8.41
N ILE A 47 -23.15 54.40 7.34
CA ILE A 47 -24.38 53.75 6.90
C ILE A 47 -24.71 52.53 7.76
N PHE A 48 -23.69 51.84 8.29
CA PHE A 48 -23.93 50.60 9.00
C PHE A 48 -23.62 50.71 10.48
N TYR A 49 -22.35 50.86 10.81
CA TYR A 49 -21.89 50.74 12.18
C TYR A 49 -22.59 51.67 13.15
N GLN A 50 -22.58 52.96 12.84
CA GLN A 50 -23.17 53.97 13.74
C GLN A 50 -24.66 53.83 13.88
N ARG A 51 -25.32 53.43 12.80
CA ARG A 51 -26.76 53.22 12.88
C ARG A 51 -27.10 51.93 13.62
N MET A 52 -26.31 50.88 13.45
CA MET A 52 -26.61 49.66 14.16
C MET A 52 -26.48 49.92 15.65
N LYS A 53 -25.48 50.71 15.98
CA LYS A 53 -25.16 51.00 17.36
C LYS A 53 -26.24 51.89 17.94
N LYS A 54 -26.49 53.02 17.28
CA LYS A 54 -27.45 54.01 17.76
C LYS A 54 -28.87 53.39 17.88
N GLU A 55 -29.33 52.62 16.91
CA GLU A 55 -30.68 52.05 16.99
C GLU A 55 -30.73 50.63 17.61
N ASN A 56 -29.68 50.18 18.28
CA ASN A 56 -29.67 48.82 18.89
C ASN A 56 -30.20 47.70 18.01
N LEU A 57 -29.69 47.62 16.80
CA LEU A 57 -30.03 46.53 15.90
C LEU A 57 -29.57 45.19 16.42
N MET A 58 -28.52 45.21 17.22
CA MET A 58 -28.02 43.96 17.78
C MET A 58 -27.33 44.20 19.10
N PRO A 59 -27.15 43.14 19.90
CA PRO A 59 -26.44 43.31 21.16
C PRO A 59 -25.06 43.90 20.95
N ARG A 60 -24.60 44.74 21.86
N ARG A 60 -24.61 44.77 21.85
CA ARG A 60 -23.31 45.37 21.71
CA ARG A 60 -23.27 45.37 21.75
C ARG A 60 -22.17 44.34 21.61
C ARG A 60 -22.18 44.33 21.59
N GLU A 61 -22.29 43.23 22.32
CA GLU A 61 -21.29 42.18 22.24
C GLU A 61 -21.17 41.64 20.82
N GLU A 62 -22.31 41.53 20.10
CA GLU A 62 -22.25 41.08 18.72
C GLU A 62 -21.70 42.14 17.81
N LEU A 63 -22.15 43.37 17.98
CA LEU A 63 -21.70 44.43 17.13
C LEU A 63 -20.15 44.60 17.25
N ALA A 64 -19.61 44.44 18.43
CA ALA A 64 -18.17 44.62 18.61
C ALA A 64 -17.43 43.54 17.85
N ARG A 65 -18.03 42.37 17.69
CA ARG A 65 -17.34 41.32 16.95
C ARG A 65 -17.37 41.57 15.46
N LEU A 66 -18.40 42.25 14.99
CA LEU A 66 -18.55 42.55 13.58
C LEU A 66 -17.69 43.78 13.20
N PHE A 67 -17.66 44.78 14.05
CA PHE A 67 -16.92 46.00 13.88
C PHE A 67 -16.03 46.25 15.11
N PRO A 68 -14.87 45.46 15.17
CA PRO A 68 -14.09 45.60 16.40
C PRO A 68 -13.45 46.93 16.71
N ASN A 69 -12.91 47.61 15.71
CA ASN A 69 -12.02 48.70 15.90
C ASN A 69 -12.02 49.60 14.70
N LEU A 70 -13.21 49.91 14.23
CA LEU A 70 -13.39 50.66 13.03
C LEU A 70 -12.84 52.08 13.09
N PRO A 71 -13.13 52.79 14.27
CA PRO A 71 -12.57 54.14 14.29
C PRO A 71 -11.06 54.17 14.25
N GLU A 72 -10.42 53.17 14.79
CA GLU A 72 -8.97 53.04 14.79
C GLU A 72 -8.49 52.76 13.39
N LEU A 73 -9.22 51.88 12.72
CA LEU A 73 -8.92 51.52 11.35
C LEU A 73 -9.00 52.72 10.43
N ILE A 74 -10.02 53.51 10.62
CA ILE A 74 -10.20 54.71 9.84
C ILE A 74 -9.05 55.70 10.04
N GLU A 75 -8.64 55.89 11.30
CA GLU A 75 -7.52 56.77 11.59
C GLU A 75 -6.13 56.28 11.06
N ILE A 76 -5.88 54.98 11.07
CA ILE A 76 -4.74 54.44 10.37
C ILE A 76 -4.67 55.01 8.97
N HIS A 77 -5.77 54.91 8.23
CA HIS A 77 -5.77 55.31 6.83
C HIS A 77 -5.89 56.82 6.60
N ASN A 78 -6.62 57.50 7.47
CA ASN A 78 -6.80 58.92 7.33
C ASN A 78 -5.48 59.66 7.57
N SER A 79 -4.76 59.27 8.61
CA SER A 79 -3.48 59.87 8.88
C SER A 79 -2.59 59.73 7.67
N TRP A 80 -2.49 58.53 7.13
CA TRP A 80 -1.64 58.32 5.97
C TRP A 80 -2.14 59.16 4.79
N CYS A 81 -3.43 59.11 4.57
CA CYS A 81 -4.04 59.93 3.57
C CYS A 81 -3.68 61.41 3.71
N GLU A 82 -3.74 61.95 4.92
CA GLU A 82 -3.39 63.36 5.13
C GLU A 82 -1.89 63.63 4.84
N ALA A 83 -1.00 62.69 5.11
CA ALA A 83 0.40 62.86 4.75
C ALA A 83 0.59 62.82 3.24
N MET A 84 -0.25 62.10 2.52
CA MET A 84 -0.20 62.10 1.07
C MET A 84 -0.58 63.46 0.52
N LYS A 85 -1.60 64.06 1.10
CA LYS A 85 -2.04 65.39 0.73
C LYS A 85 -0.86 66.37 0.96
N LYS A 86 -0.30 66.38 2.15
CA LYS A 86 0.86 67.23 2.46
C LYS A 86 1.90 67.18 1.35
N LEU A 87 2.26 65.98 0.93
CA LEU A 87 3.31 65.77 -0.06
C LEU A 87 2.90 66.22 -1.49
N ARG A 88 1.64 66.08 -1.81
CA ARG A 88 1.14 66.52 -3.09
C ARG A 88 1.21 68.06 -3.07
N GLU A 89 1.15 68.67 -1.90
CA GLU A 89 1.21 70.14 -1.84
C GLU A 89 2.45 70.75 -2.49
N GLU A 90 3.61 70.11 -2.39
CA GLU A 90 4.80 70.65 -3.02
C GLU A 90 4.92 70.29 -4.51
N GLY A 91 3.81 70.31 -5.24
CA GLY A 91 3.84 70.25 -6.69
C GLY A 91 3.38 68.91 -7.19
N PRO A 92 2.82 68.87 -8.41
CA PRO A 92 2.13 67.71 -8.96
C PRO A 92 3.04 66.57 -9.39
N ILE A 93 4.34 66.85 -9.43
CA ILE A 93 5.28 65.80 -9.72
C ILE A 93 5.84 65.35 -8.39
N ILE A 94 5.46 64.15 -8.00
CA ILE A 94 5.85 63.71 -6.67
C ILE A 94 7.29 63.22 -6.76
N LYS A 95 8.11 63.62 -5.80
CA LYS A 95 9.52 63.29 -5.84
C LYS A 95 9.74 62.01 -5.07
N GLU A 96 10.57 61.99 -4.04
CA GLU A 96 10.77 60.76 -3.28
C GLU A 96 9.51 60.41 -2.47
N ILE A 97 9.25 59.12 -2.36
CA ILE A 97 8.05 58.67 -1.72
C ILE A 97 8.34 57.59 -0.70
N SER A 98 9.59 57.15 -0.61
CA SER A 98 9.88 55.99 0.20
C SER A 98 9.63 56.25 1.68
N ASP A 99 9.93 57.44 2.16
CA ASP A 99 9.74 57.74 3.55
C ASP A 99 8.22 57.72 3.93
N LEU A 100 7.38 58.27 3.08
CA LEU A 100 5.96 58.15 3.29
C LEU A 100 5.53 56.68 3.35
N MET A 101 6.07 55.84 2.47
CA MET A 101 5.76 54.41 2.50
C MET A 101 6.25 53.77 3.79
N LEU A 102 7.48 54.07 4.19
CA LEU A 102 7.98 53.54 5.43
C LEU A 102 7.21 54.06 6.65
N ALA A 103 6.66 55.25 6.58
CA ALA A 103 5.95 55.77 7.69
C ALA A 103 4.62 54.98 7.93
N ARG A 104 4.16 54.26 6.93
CA ARG A 104 2.98 53.38 7.12
C ARG A 104 3.31 51.91 7.31
N PHE A 105 4.37 51.44 6.72
CA PHE A 105 4.55 50.01 6.58
C PHE A 105 5.76 49.46 7.24
N ASP A 106 6.52 50.31 7.92
CA ASP A 106 7.75 49.87 8.59
C ASP A 106 7.73 50.19 10.09
N GLY A 107 8.56 49.47 10.84
CA GLY A 107 8.77 49.64 12.24
C GLY A 107 7.48 49.69 13.02
N PRO A 108 7.35 50.66 13.93
CA PRO A 108 6.20 50.78 14.76
C PRO A 108 4.91 50.85 13.92
N ALA A 109 5.00 51.48 12.76
CA ALA A 109 3.85 51.80 11.98
C ALA A 109 3.30 50.52 11.37
N ARG A 110 4.22 49.60 11.09
CA ARG A 110 3.85 48.27 10.63
C ARG A 110 3.17 47.49 11.76
N GLU A 111 3.72 47.54 12.95
CA GLU A 111 3.16 46.78 14.05
C GLU A 111 1.70 47.22 14.26
N GLU A 112 1.50 48.54 14.29
CA GLU A 112 0.18 49.13 14.49
C GLU A 112 -0.81 48.69 13.39
N LEU A 113 -0.39 48.77 12.13
CA LEU A 113 -1.27 48.47 10.99
C LEU A 113 -1.66 47.00 11.00
N GLN A 114 -0.70 46.12 11.24
CA GLN A 114 -1.04 44.71 11.21
C GLN A 114 -1.89 44.31 12.38
N GLN A 115 -1.74 44.95 13.53
CA GLN A 115 -2.54 44.57 14.66
C GLN A 115 -3.94 44.98 14.37
N VAL A 116 -4.11 46.24 14.00
CA VAL A 116 -5.43 46.80 13.78
C VAL A 116 -6.12 46.08 12.63
N ALA A 117 -5.43 45.86 11.52
CA ALA A 117 -6.07 45.17 10.40
C ALA A 117 -6.41 43.74 10.77
N ALA A 118 -5.58 43.11 11.58
CA ALA A 118 -5.84 41.72 11.90
C ALA A 118 -7.03 41.59 12.84
N GLN A 119 -7.10 42.44 13.85
CA GLN A 119 -8.24 42.46 14.74
C GLN A 119 -9.52 42.73 13.94
N PHE A 120 -9.50 43.69 13.02
CA PHE A 120 -10.69 43.93 12.21
C PHE A 120 -11.13 42.73 11.35
N CYS A 121 -10.21 41.96 10.81
CA CYS A 121 -10.56 40.96 9.83
C CYS A 121 -10.66 39.55 10.36
N SER A 122 -9.91 39.23 11.38
CA SER A 122 -9.75 37.82 11.74
C SER A 122 -11.04 37.04 11.90
N TYR A 123 -12.03 37.69 12.49
CA TYR A 123 -13.27 37.02 12.89
C TYR A 123 -14.39 37.27 11.87
N GLN A 124 -14.05 37.89 10.76
CA GLN A 124 -15.06 38.49 9.91
C GLN A 124 -15.93 37.45 9.25
N SER A 125 -15.40 36.31 8.87
CA SER A 125 -16.22 35.32 8.16
C SER A 125 -17.34 34.78 9.04
N ILE A 126 -17.01 34.67 10.31
CA ILE A 126 -17.95 34.18 11.31
C ILE A 126 -19.01 35.23 11.62
N ALA A 127 -18.60 36.47 11.79
CA ALA A 127 -19.58 37.52 12.04
C ALA A 127 -20.56 37.69 10.87
N LEU A 128 -20.06 37.54 9.67
CA LEU A 128 -20.93 37.68 8.52
C LEU A 128 -21.92 36.54 8.37
N GLU A 129 -21.53 35.31 8.70
CA GLU A 129 -22.46 34.21 8.78
C GLU A 129 -23.55 34.46 9.85
N LEU A 130 -23.16 34.98 10.99
CA LEU A 130 -24.15 35.42 11.98
C LEU A 130 -25.13 36.46 11.40
N ILE A 131 -24.61 37.48 10.72
CA ILE A 131 -25.46 38.52 10.14
C ILE A 131 -26.43 37.87 9.14
N LYS A 132 -25.95 36.92 8.38
CA LYS A 132 -26.79 36.30 7.41
C LYS A 132 -27.92 35.56 8.12
N THR A 133 -27.61 34.93 9.23
CA THR A 133 -28.61 34.18 9.96
C THR A 133 -29.64 35.15 10.50
N LYS A 134 -29.11 36.21 11.10
CA LYS A 134 -29.96 37.24 11.67
C LYS A 134 -30.96 37.80 10.66
N GLN A 135 -30.53 38.01 9.42
CA GLN A 135 -31.38 38.57 8.39
C GLN A 135 -32.49 37.58 8.04
N ARG A 136 -32.16 36.30 8.01
CA ARG A 136 -33.15 35.27 7.75
C ARG A 136 -34.17 35.25 8.90
N LYS A 137 -33.71 35.37 10.13
CA LYS A 137 -34.57 35.13 11.26
C LYS A 137 -35.27 36.33 11.89
N GLU A 138 -34.78 37.54 11.62
N GLU A 138 -34.79 37.54 11.61
CA GLU A 138 -35.29 38.73 12.31
CA GLU A 138 -35.30 38.71 12.31
C GLU A 138 -35.75 39.76 11.32
C GLU A 138 -35.75 39.77 11.32
N SER A 139 -37.05 40.00 11.28
CA SER A 139 -37.61 40.84 10.27
C SER A 139 -37.11 42.26 10.46
N ARG A 140 -37.02 42.74 11.69
CA ARG A 140 -36.53 44.13 11.82
C ARG A 140 -35.08 44.25 11.26
N PHE A 141 -34.30 43.21 11.39
CA PHE A 141 -32.94 43.30 11.03
C PHE A 141 -32.83 43.22 9.50
N GLN A 142 -33.62 42.32 8.91
CA GLN A 142 -33.63 42.18 7.44
C GLN A 142 -34.06 43.46 6.76
N LEU A 143 -35.07 44.09 7.32
CA LEU A 143 -35.52 45.42 6.90
C LEU A 143 -34.45 46.50 6.99
N PHE A 144 -33.77 46.55 8.14
CA PHE A 144 -32.77 47.56 8.29
C PHE A 144 -31.65 47.37 7.25
N MET A 145 -31.28 46.12 7.03
CA MET A 145 -30.19 45.84 6.10
C MET A 145 -30.61 46.23 4.67
N GLN A 146 -31.88 46.04 4.33
CA GLN A 146 -32.31 46.43 2.98
C GLN A 146 -32.23 47.93 2.82
N GLU A 147 -32.71 48.63 3.83
CA GLU A 147 -32.72 50.10 3.79
C GLU A 147 -31.30 50.63 3.69
N ALA A 148 -30.42 50.10 4.51
CA ALA A 148 -29.02 50.59 4.55
C ALA A 148 -28.36 50.36 3.20
N GLU A 149 -28.58 49.18 2.64
CA GLU A 149 -27.98 48.80 1.38
C GLU A 149 -28.60 49.51 0.19
N SER A 150 -29.76 50.14 0.41
CA SER A 150 -30.35 50.92 -0.69
C SER A 150 -29.71 52.30 -0.81
N HIS A 151 -28.96 52.71 0.18
CA HIS A 151 -28.31 53.99 0.15
C HIS A 151 -27.32 54.06 -1.00
N PRO A 152 -27.21 55.22 -1.68
CA PRO A 152 -26.41 55.26 -2.92
C PRO A 152 -24.96 55.17 -2.65
N GLN A 153 -24.56 55.63 -1.50
CA GLN A 153 -23.21 55.40 -1.07
C GLN A 153 -22.74 53.95 -1.11
N CYS A 154 -23.66 53.01 -0.97
CA CYS A 154 -23.27 51.63 -1.08
C CYS A 154 -22.91 51.19 -2.46
N ARG A 155 -23.21 52.03 -3.47
CA ARG A 155 -22.91 51.69 -4.88
C ARG A 155 -23.46 50.34 -5.22
N ARG A 156 -24.64 50.05 -4.71
CA ARG A 156 -25.31 48.81 -4.98
C ARG A 156 -24.62 47.59 -4.43
N LEU A 157 -23.61 47.76 -3.61
CA LEU A 157 -23.08 46.60 -2.93
C LEU A 157 -23.73 46.35 -1.57
N GLN A 158 -23.52 45.15 -1.06
CA GLN A 158 -24.00 44.78 0.26
C GLN A 158 -22.91 44.90 1.28
N LEU A 159 -23.30 44.86 2.52
CA LEU A 159 -22.38 45.00 3.63
C LEU A 159 -21.26 43.97 3.53
N ARG A 160 -21.59 42.72 3.24
CA ARG A 160 -20.58 41.70 3.08
C ARG A 160 -19.62 41.99 1.93
N ASP A 161 -20.03 42.79 0.95
CA ASP A 161 -19.20 43.11 -0.17
C ASP A 161 -18.32 44.29 0.17
N LEU A 162 -18.65 45.09 1.18
CA LEU A 162 -17.89 46.32 1.50
C LEU A 162 -16.90 46.10 2.65
N ILE A 163 -17.29 45.26 3.60
CA ILE A 163 -16.53 45.12 4.85
C ILE A 163 -15.19 44.38 4.65
N ILE A 164 -15.11 43.65 3.55
CA ILE A 164 -13.90 42.98 3.15
C ILE A 164 -12.88 43.92 2.49
N SER A 165 -13.24 45.18 2.32
CA SER A 165 -12.38 46.09 1.59
C SER A 165 -11.05 46.27 2.29
N GLU A 166 -10.97 46.15 3.60
CA GLU A 166 -9.69 46.34 4.21
C GLU A 166 -8.70 45.22 3.81
N MET A 167 -9.11 43.97 3.97
CA MET A 167 -8.26 42.89 3.54
C MET A 167 -7.86 43.11 2.11
N GLN A 168 -8.83 43.44 1.26
CA GLN A 168 -8.50 43.63 -0.17
C GLN A 168 -7.53 44.79 -0.40
N ARG A 169 -7.68 45.85 0.36
CA ARG A 169 -6.77 46.97 0.24
C ARG A 169 -5.33 46.57 0.60
N LEU A 170 -5.14 45.84 1.67
CA LEU A 170 -3.79 45.38 1.99
C LEU A 170 -3.09 44.56 0.89
N THR A 171 -3.85 43.75 0.16
CA THR A 171 -3.30 42.93 -0.91
C THR A 171 -2.83 43.77 -2.07
N LYS A 172 -3.37 44.98 -2.23
CA LYS A 172 -2.90 45.85 -3.29
C LYS A 172 -1.59 46.57 -3.01
N TYR A 173 -1.22 46.78 -1.76
CA TYR A 173 -0.02 47.59 -1.51
C TYR A 173 1.30 47.03 -2.11
N PRO A 174 1.53 45.73 -2.03
CA PRO A 174 2.74 45.20 -2.60
C PRO A 174 2.74 45.39 -4.09
N LEU A 175 1.59 45.24 -4.68
CA LEU A 175 1.49 45.33 -6.13
C LEU A 175 1.70 46.78 -6.53
N LEU A 176 1.12 47.71 -5.79
CA LEU A 176 1.35 49.09 -6.10
C LEU A 176 2.79 49.46 -5.84
N LEU A 177 3.44 48.86 -4.83
CA LEU A 177 4.85 49.18 -4.61
C LEU A 177 5.77 48.58 -5.69
N GLU A 178 5.49 47.34 -6.11
CA GLU A 178 6.30 46.69 -7.15
C GLU A 178 6.27 47.54 -8.40
N SER A 179 5.11 48.03 -8.77
CA SER A 179 5.01 48.87 -9.93
C SER A 179 5.71 50.26 -9.81
N ILE A 180 5.68 50.86 -8.64
CA ILE A 180 6.45 52.10 -8.43
C ILE A 180 7.95 51.84 -8.53
N ILE A 181 8.38 50.75 -7.89
CA ILE A 181 9.76 50.35 -7.83
C ILE A 181 10.31 50.17 -9.26
N LYS A 182 9.59 49.36 -10.04
CA LYS A 182 9.77 49.22 -11.46
C LYS A 182 10.03 50.53 -12.19
N HIS A 183 9.38 51.61 -11.82
CA HIS A 183 9.61 52.87 -12.51
C HIS A 183 10.49 53.83 -11.74
N THR A 184 11.29 53.31 -10.81
CA THR A 184 12.19 54.13 -10.01
C THR A 184 13.65 53.84 -10.42
N GLU A 185 14.47 54.87 -10.52
CA GLU A 185 15.86 54.69 -10.98
C GLU A 185 16.52 53.82 -9.96
N GLY A 186 17.16 52.75 -10.40
CA GLY A 186 17.99 51.89 -9.51
C GLY A 186 19.24 52.59 -8.95
N GLY A 187 19.93 51.93 -8.04
CA GLY A 187 21.07 52.53 -7.34
C GLY A 187 20.72 53.62 -6.34
N THR A 188 19.45 53.99 -6.28
CA THR A 188 18.96 55.04 -5.39
C THR A 188 18.69 54.46 -4.02
N SER A 189 18.90 55.25 -2.97
CA SER A 189 18.34 54.95 -1.65
C SER A 189 16.80 54.79 -1.72
N GLU A 190 16.17 55.70 -2.46
CA GLU A 190 14.77 55.64 -2.74
C GLU A 190 14.35 54.19 -3.08
N HIS A 191 15.11 53.57 -3.96
CA HIS A 191 14.72 52.33 -4.58
C HIS A 191 14.79 51.22 -3.54
N GLU A 192 15.89 51.22 -2.83
CA GLU A 192 16.16 50.27 -1.74
C GLU A 192 15.09 50.32 -0.63
N LYS A 193 14.69 51.53 -0.27
CA LYS A 193 13.73 51.80 0.82
C LYS A 193 12.27 51.41 0.43
N LEU A 194 11.92 51.66 -0.82
CA LEU A 194 10.75 51.10 -1.43
C LEU A 194 10.75 49.58 -1.44
N CYS A 195 11.90 48.95 -1.68
CA CYS A 195 11.90 47.49 -1.69
C CYS A 195 11.65 47.00 -0.28
N ARG A 196 12.17 47.76 0.68
CA ARG A 196 12.03 47.40 2.06
C ARG A 196 10.54 47.49 2.44
N ALA A 197 9.90 48.59 2.05
CA ALA A 197 8.47 48.77 2.29
C ALA A 197 7.61 47.67 1.65
N ARG A 198 7.90 47.36 0.40
CA ARG A 198 7.23 46.25 -0.28
C ARG A 198 7.34 44.96 0.51
N ASP A 199 8.55 44.66 0.93
CA ASP A 199 8.75 43.42 1.70
C ASP A 199 7.97 43.42 3.05
N GLN A 200 7.85 44.60 3.68
CA GLN A 200 7.20 44.66 4.99
C GLN A 200 5.70 44.51 4.79
N CYS A 201 5.15 45.10 3.72
CA CYS A 201 3.75 44.83 3.32
C CYS A 201 3.46 43.35 3.14
N ARG A 202 4.34 42.62 2.51
CA ARG A 202 4.14 41.17 2.41
C ARG A 202 4.01 40.50 3.76
N GLU A 203 4.88 40.93 4.63
CA GLU A 203 4.95 40.42 6.01
C GLU A 203 3.67 40.76 6.79
N ILE A 204 3.14 41.94 6.52
CA ILE A 204 1.89 42.34 7.12
C ILE A 204 0.80 41.43 6.61
N LEU A 205 0.80 41.13 5.33
CA LEU A 205 -0.22 40.22 4.80
C LEU A 205 -0.12 38.82 5.38
N LYS A 206 1.11 38.39 5.64
CA LYS A 206 1.30 37.08 6.24
C LYS A 206 0.77 37.05 7.65
N TYR A 207 0.94 38.16 8.35
CA TYR A 207 0.44 38.29 9.70
C TYR A 207 -1.09 38.28 9.74
N VAL A 208 -1.74 39.03 8.84
CA VAL A 208 -3.20 39.01 8.79
C VAL A 208 -3.68 37.63 8.31
N ASN A 209 -2.99 37.06 7.35
CA ASN A 209 -3.31 35.70 6.91
C ASN A 209 -3.32 34.75 8.10
N GLU A 210 -2.28 34.81 8.90
CA GLU A 210 -2.18 33.94 10.05
C GLU A 210 -3.27 34.24 11.08
N ALA A 211 -3.63 35.50 11.32
CA ALA A 211 -4.68 35.75 12.30
C ALA A 211 -6.01 35.18 11.88
N VAL A 212 -6.33 35.31 10.60
CA VAL A 212 -7.59 34.78 10.10
C VAL A 212 -7.54 33.26 10.28
N LYS A 213 -6.42 32.70 9.91
CA LYS A 213 -6.28 31.25 9.99
C LYS A 213 -6.54 30.72 11.40
N GLN A 214 -5.89 31.32 12.40
CA GLN A 214 -5.97 30.81 13.75
C GLN A 214 -7.33 31.11 14.34
N THR A 215 -7.88 32.29 14.05
CA THR A 215 -9.19 32.61 14.59
C THR A 215 -10.26 31.72 14.02
N GLU A 216 -10.29 31.53 12.70
CA GLU A 216 -11.27 30.62 12.12
C GLU A 216 -11.03 29.15 12.57
N ASN A 217 -9.77 28.73 12.56
CA ASN A 217 -9.47 27.35 12.91
C ASN A 217 -9.97 27.10 14.33
N ARG A 218 -9.74 28.05 15.22
CA ARG A 218 -10.13 27.87 16.63
C ARG A 218 -11.63 27.70 16.76
N HIS A 219 -12.38 28.55 16.06
CA HIS A 219 -13.82 28.47 16.07
C HIS A 219 -14.30 27.14 15.46
N ARG A 220 -13.71 26.75 14.35
CA ARG A 220 -14.03 25.48 13.70
C ARG A 220 -13.84 24.26 14.64
N LEU A 221 -12.73 24.25 15.38
CA LEU A 221 -12.42 23.12 16.28
C LEU A 221 -13.28 23.06 17.53
N GLU A 222 -13.67 24.21 18.06
CA GLU A 222 -14.70 24.23 19.09
C GLU A 222 -15.99 23.60 18.60
N GLY A 223 -16.37 23.88 17.36
CA GLY A 223 -17.62 23.33 16.84
C GLY A 223 -17.51 21.84 16.67
N TYR A 224 -16.37 21.40 16.15
CA TYR A 224 -16.09 19.98 16.01
C TYR A 224 -16.08 19.27 17.35
N GLN A 225 -15.51 19.89 18.38
CA GLN A 225 -15.43 19.28 19.69
C GLN A 225 -16.82 18.89 20.23
N LYS A 226 -17.75 19.83 20.23
CA LYS A 226 -19.17 19.55 20.52
C LYS A 226 -19.72 18.31 19.82
N ARG A 227 -19.36 18.16 18.55
CA ARG A 227 -19.87 17.08 17.74
C ARG A 227 -19.04 15.83 17.81
N LEU A 228 -17.94 15.93 18.53
CA LEU A 228 -17.07 14.80 18.72
C LEU A 228 -17.73 13.83 19.65
N ASP A 229 -17.73 12.58 19.22
CA ASP A 229 -18.10 11.45 20.04
C ASP A 229 -16.91 10.51 20.03
N ALA A 230 -16.16 10.49 21.13
CA ALA A 230 -15.06 9.54 21.32
C ALA A 230 -15.48 8.46 22.33
N THR A 231 -16.69 7.94 22.14
CA THR A 231 -17.32 7.08 23.13
C THR A 231 -16.80 5.64 23.01
N ALA A 232 -16.81 5.09 21.80
CA ALA A 232 -16.29 3.75 21.59
C ALA A 232 -14.82 3.58 22.05
N LEU A 233 -14.17 4.65 22.49
CA LEU A 233 -12.82 4.57 23.01
C LEU A 233 -12.81 4.72 24.52
N GLU A 234 -13.97 5.04 25.10
CA GLU A 234 -14.17 4.93 26.55
C GLU A 234 -13.96 3.51 27.04
N ARG A 235 -14.26 2.52 26.19
CA ARG A 235 -13.76 1.16 26.39
C ARG A 235 -12.40 1.19 25.68
N ALA A 236 -11.88 0.03 25.30
CA ALA A 236 -10.72 -0.09 24.42
C ALA A 236 -10.86 -1.42 23.71
N SER A 237 -10.26 -1.61 22.54
CA SER A 237 -9.93 -2.97 22.12
C SER A 237 -8.42 -3.03 22.17
N ASN A 238 -7.77 -2.71 21.06
CA ASN A 238 -6.33 -2.61 21.05
C ASN A 238 -5.88 -1.49 22.02
N PRO A 239 -4.76 -1.73 22.75
CA PRO A 239 -4.32 -0.77 23.77
C PRO A 239 -4.26 0.67 23.25
N LEU A 240 -3.70 0.84 22.05
CA LEU A 240 -3.26 2.15 21.54
C LEU A 240 -4.35 3.15 21.13
N ALA A 241 -5.61 2.83 21.40
CA ALA A 241 -6.70 3.75 21.11
C ALA A 241 -7.22 4.43 22.39
N ALA A 242 -7.07 3.77 23.53
CA ALA A 242 -7.81 4.16 24.74
C ALA A 242 -7.39 5.51 25.31
N GLU A 243 -6.14 5.89 25.11
CA GLU A 243 -5.62 7.15 25.67
C GLU A 243 -6.27 8.39 25.02
N PHE A 244 -6.93 8.20 23.88
CA PHE A 244 -7.66 9.30 23.21
C PHE A 244 -9.17 9.25 23.42
N LYS A 245 -9.60 8.74 24.56
CA LYS A 245 -11.03 8.71 24.90
C LYS A 245 -11.52 10.11 25.30
N SER A 246 -10.61 10.93 25.84
CA SER A 246 -10.94 12.29 26.24
C SER A 246 -10.21 13.31 25.34
N LEU A 247 -9.88 12.90 24.12
CA LEU A 247 -9.29 13.80 23.12
C LEU A 247 -10.03 15.12 23.01
N ASP A 248 -9.30 16.21 23.25
CA ASP A 248 -9.87 17.54 23.18
C ASP A 248 -9.27 18.35 22.03
N LEU A 249 -10.05 18.53 20.97
CA LEU A 249 -9.55 19.23 19.79
C LEU A 249 -9.16 20.68 20.09
N THR A 250 -9.84 21.29 21.03
CA THR A 250 -9.67 22.68 21.37
C THR A 250 -8.25 23.06 21.77
N THR A 251 -7.41 22.09 22.14
CA THR A 251 -6.10 22.42 22.75
C THR A 251 -4.94 22.23 21.79
N ARG A 252 -5.26 22.04 20.51
CA ARG A 252 -4.24 21.79 19.49
C ARG A 252 -4.45 22.70 18.33
N LYS A 253 -3.41 22.85 17.53
CA LYS A 253 -3.54 23.59 16.31
C LYS A 253 -3.82 22.67 15.12
N MET A 254 -4.66 23.15 14.20
CA MET A 254 -4.95 22.45 12.99
C MET A 254 -4.08 22.94 11.86
N ILE A 255 -3.54 22.03 11.10
CA ILE A 255 -2.76 22.36 9.96
C ILE A 255 -3.59 22.24 8.71
N HIS A 256 -4.42 21.21 8.67
CA HIS A 256 -5.15 20.89 7.44
C HIS A 256 -6.30 19.98 7.80
N GLU A 257 -7.30 19.91 6.93
CA GLU A 257 -8.41 18.99 7.10
C GLU A 257 -8.99 18.63 5.73
N GLY A 258 -9.79 17.59 5.67
CA GLY A 258 -10.23 17.15 4.39
C GLY A 258 -10.79 15.74 4.38
N PRO A 259 -11.59 15.45 3.37
CA PRO A 259 -12.10 14.13 3.19
C PRO A 259 -11.02 13.21 2.57
N LEU A 260 -10.98 11.98 3.03
CA LEU A 260 -10.07 10.95 2.50
C LEU A 260 -10.82 9.61 2.56
N THR A 261 -10.53 8.73 1.62
CA THR A 261 -11.11 7.40 1.66
C THR A 261 -10.06 6.44 2.17
N TRP A 262 -10.40 5.70 3.20
CA TRP A 262 -9.54 4.67 3.80
C TRP A 262 -9.73 3.25 3.22
N ARG A 263 -8.71 2.77 2.52
CA ARG A 263 -8.65 1.39 2.01
C ARG A 263 -8.18 0.46 3.13
N ILE A 264 -9.15 -0.05 3.88
CA ILE A 264 -8.90 -0.74 5.14
C ILE A 264 -8.56 -2.24 4.91
N SER A 265 -9.19 -2.82 3.90
CA SER A 265 -8.89 -4.17 3.44
C SER A 265 -8.87 -4.05 1.94
N LYS A 266 -8.92 -5.18 1.23
CA LYS A 266 -8.82 -5.12 -0.24
C LYS A 266 -10.16 -4.94 -0.95
N ASP A 267 -11.28 -5.26 -0.30
CA ASP A 267 -12.55 -4.81 -0.84
C ASP A 267 -13.45 -4.29 0.26
N LYS A 268 -12.87 -3.43 1.09
CA LYS A 268 -13.62 -2.59 1.97
C LYS A 268 -12.98 -1.20 1.99
N THR A 269 -13.82 -0.18 1.97
CA THR A 269 -13.38 1.18 2.11
C THR A 269 -14.24 1.88 3.14
N LEU A 270 -13.69 2.93 3.72
CA LEU A 270 -14.37 3.70 4.74
C LEU A 270 -14.16 5.18 4.37
N ASP A 271 -15.25 5.94 4.32
CA ASP A 271 -15.14 7.34 3.90
C ASP A 271 -14.96 8.18 5.14
N LEU A 272 -13.86 8.94 5.18
CA LEU A 272 -13.47 9.63 6.37
C LEU A 272 -13.46 11.14 6.19
N HIS A 273 -13.61 11.84 7.30
CA HIS A 273 -13.12 13.20 7.36
C HIS A 273 -11.92 13.31 8.30
N VAL A 274 -10.79 13.84 7.83
CA VAL A 274 -9.59 13.75 8.63
C VAL A 274 -8.93 15.07 8.97
N LEU A 275 -8.51 15.18 10.23
CA LEU A 275 -7.86 16.38 10.72
C LEU A 275 -6.40 16.14 10.84
N LEU A 276 -5.58 17.00 10.25
CA LEU A 276 -4.18 16.99 10.50
C LEU A 276 -3.86 18.08 11.53
N LEU A 277 -3.60 17.67 12.77
CA LEU A 277 -3.19 18.57 13.81
C LEU A 277 -1.66 18.62 13.90
N GLU A 278 -1.16 19.35 14.88
CA GLU A 278 0.28 19.53 14.99
C GLU A 278 0.99 18.22 15.33
N ASP A 279 0.35 17.45 16.19
CA ASP A 279 1.00 16.29 16.78
C ASP A 279 0.32 14.98 16.38
N LEU A 280 -0.92 15.08 15.90
CA LEU A 280 -1.78 13.92 15.60
C LEU A 280 -2.46 14.04 14.26
N LEU A 281 -2.65 12.92 13.59
CA LEU A 281 -3.62 12.75 12.51
C LEU A 281 -4.85 12.04 13.07
N VAL A 282 -6.06 12.60 12.91
CA VAL A 282 -7.25 12.01 13.52
C VAL A 282 -8.27 11.68 12.45
N LEU A 283 -8.74 10.43 12.50
CA LEU A 283 -9.62 9.88 11.48
C LEU A 283 -11.05 9.83 12.03
N LEU A 284 -11.95 10.53 11.35
CA LEU A 284 -13.29 10.66 11.86
C LEU A 284 -14.24 10.14 10.83
N GLN A 285 -15.33 9.58 11.33
CA GLN A 285 -16.43 9.16 10.51
C GLN A 285 -17.58 10.13 10.67
N LYS A 286 -18.12 10.58 9.55
CA LYS A 286 -19.27 11.47 9.59
C LYS A 286 -20.46 10.55 9.82
N GLN A 287 -21.36 10.97 10.71
CA GLN A 287 -22.48 10.13 11.11
C GLN A 287 -23.55 11.08 11.55
N ASP A 288 -24.40 11.44 10.60
CA ASP A 288 -25.27 12.61 10.73
C ASP A 288 -24.39 13.82 10.97
N GLU A 289 -24.54 14.43 12.15
CA GLU A 289 -23.84 15.64 12.44
C GLU A 289 -22.80 15.34 13.48
N LYS A 290 -22.54 14.07 13.71
CA LYS A 290 -21.59 13.71 14.74
C LYS A 290 -20.31 13.24 14.08
N LEU A 291 -19.21 13.39 14.81
CA LEU A 291 -17.88 13.02 14.34
C LEU A 291 -17.40 11.93 15.26
N LEU A 292 -17.36 10.72 14.70
CA LEU A 292 -17.14 9.53 15.49
C LEU A 292 -15.70 9.17 15.47
N LEU A 293 -15.11 9.18 16.67
CA LEU A 293 -13.79 8.64 16.85
C LEU A 293 -13.97 7.17 17.27
N LYS A 294 -13.49 6.24 16.45
CA LYS A 294 -13.86 4.82 16.52
C LYS A 294 -12.84 3.89 15.86
N CYS A 295 -12.53 2.76 16.52
CA CYS A 295 -11.63 1.73 15.98
C CYS A 295 -12.19 0.97 14.74
N HIS A 296 -11.29 0.40 13.94
CA HIS A 296 -11.63 -0.33 12.70
C HIS A 296 -12.50 0.50 11.72
N THR A 309 -7.70 -4.72 15.38
CA THR A 309 -8.37 -3.50 14.92
C THR A 309 -7.39 -2.34 14.69
N PHE A 310 -7.86 -1.36 13.91
CA PHE A 310 -7.08 -0.15 13.60
C PHE A 310 -7.39 1.04 14.54
N SER A 311 -6.35 1.73 15.02
CA SER A 311 -6.54 2.98 15.80
C SER A 311 -6.95 4.15 14.89
N PRO A 312 -7.81 5.06 15.41
CA PRO A 312 -8.30 6.21 14.65
C PRO A 312 -7.44 7.46 14.83
N VAL A 313 -6.49 7.39 15.75
CA VAL A 313 -5.56 8.46 15.99
C VAL A 313 -4.15 7.97 15.75
N LEU A 314 -3.36 8.77 15.08
CA LEU A 314 -1.95 8.45 14.83
C LEU A 314 -1.09 9.56 15.38
N LYS A 315 0.01 9.21 16.00
CA LYS A 315 1.00 10.18 16.46
C LYS A 315 2.01 10.42 15.36
N LEU A 316 2.16 11.67 15.00
CA LEU A 316 2.96 12.06 13.87
C LEU A 316 4.42 11.82 14.11
N ASN A 317 4.83 11.66 15.37
CA ASN A 317 6.25 11.36 15.63
C ASN A 317 6.60 9.89 15.48
N ALA A 318 5.59 9.06 15.19
CA ALA A 318 5.69 7.61 15.11
C ALA A 318 5.10 7.10 13.79
N VAL A 319 5.27 7.88 12.71
CA VAL A 319 4.84 7.43 11.41
C VAL A 319 5.75 7.91 10.31
N LEU A 320 5.63 7.21 9.19
CA LEU A 320 6.26 7.57 7.93
C LEU A 320 5.21 7.70 6.84
N ILE A 321 5.52 8.49 5.81
CA ILE A 321 4.56 8.83 4.78
C ILE A 321 5.11 8.35 3.45
N ARG A 322 4.34 7.58 2.69
CA ARG A 322 4.88 7.14 1.42
C ARG A 322 3.88 7.24 0.26
N SER A 323 4.37 7.72 -0.87
CA SER A 323 3.59 7.66 -2.13
C SER A 323 3.35 6.25 -2.60
N VAL A 324 2.32 6.09 -3.42
CA VAL A 324 1.96 4.82 -4.05
C VAL A 324 2.23 4.97 -5.55
N ALA A 325 3.18 4.20 -6.06
CA ALA A 325 3.60 4.29 -7.48
C ALA A 325 2.49 4.08 -8.54
N THR A 326 1.45 3.34 -8.19
CA THR A 326 0.40 2.97 -9.15
C THR A 326 -0.93 3.72 -9.00
N ASP A 327 -1.03 4.59 -7.99
CA ASP A 327 -2.26 5.33 -7.69
C ASP A 327 -1.87 6.76 -7.24
N LYS A 328 -1.97 7.69 -8.19
CA LYS A 328 -1.57 9.09 -7.98
C LYS A 328 -2.48 9.86 -7.00
N ARG A 329 -3.53 9.23 -6.49
CA ARG A 329 -4.40 9.82 -5.49
C ARG A 329 -4.18 9.23 -4.11
N ALA A 330 -3.31 8.22 -4.02
CA ALA A 330 -3.20 7.49 -2.78
C ALA A 330 -1.86 7.70 -2.15
N PHE A 331 -1.82 7.55 -0.83
CA PHE A 331 -0.59 7.57 -0.06
C PHE A 331 -0.71 6.66 1.16
N PHE A 332 0.42 6.23 1.69
CA PHE A 332 0.49 5.31 2.84
C PHE A 332 0.97 6.03 4.09
N ILE A 333 0.39 5.66 5.21
CA ILE A 333 0.96 6.00 6.48
C ILE A 333 1.37 4.73 7.20
N ILE A 334 2.64 4.69 7.58
CA ILE A 334 3.26 3.52 8.15
C ILE A 334 3.64 3.83 9.58
N CYS A 335 3.00 3.13 10.52
CA CYS A 335 3.23 3.35 11.95
C CYS A 335 4.51 2.65 12.34
N THR A 336 5.36 3.35 13.07
CA THR A 336 6.71 2.88 13.30
C THR A 336 6.98 2.38 14.70
N SER A 337 5.99 2.53 15.58
CA SER A 337 6.03 1.94 16.90
C SER A 337 6.12 0.43 16.79
N LYS A 338 7.09 -0.19 17.48
CA LYS A 338 7.12 -1.66 17.58
C LYS A 338 5.82 -2.28 18.11
N LEU A 339 4.96 -1.44 18.66
CA LEU A 339 3.64 -1.84 19.12
C LEU A 339 2.61 -1.46 18.06
N GLY A 340 3.07 -0.99 16.91
CA GLY A 340 2.19 -0.44 15.87
C GLY A 340 1.44 -1.56 15.18
N PRO A 341 0.51 -1.22 14.28
CA PRO A 341 -0.05 -2.30 13.48
C PRO A 341 0.96 -2.74 12.41
N PRO A 342 1.09 -4.06 12.15
CA PRO A 342 1.84 -4.47 10.94
C PRO A 342 1.22 -3.95 9.64
N GLN A 343 -0.03 -3.46 9.72
CA GLN A 343 -0.68 -2.81 8.57
C GLN A 343 -0.47 -1.28 8.46
N ILE A 344 -0.43 -0.89 7.21
CA ILE A 344 -0.24 0.45 6.76
C ILE A 344 -1.63 1.00 6.58
N TYR A 345 -1.82 2.28 6.93
CA TYR A 345 -3.03 3.02 6.59
C TYR A 345 -2.90 3.47 5.16
N GLU A 346 -3.85 3.06 4.33
CA GLU A 346 -3.80 3.43 2.93
C GLU A 346 -4.92 4.43 2.72
N LEU A 347 -4.56 5.64 2.28
CA LEU A 347 -5.52 6.72 2.22
C LEU A 347 -5.63 7.25 0.82
N VAL A 348 -6.86 7.60 0.43
CA VAL A 348 -7.13 8.09 -0.94
C VAL A 348 -7.79 9.47 -0.92
N ALA A 349 -7.16 10.40 -1.63
CA ALA A 349 -7.57 11.79 -1.74
C ALA A 349 -8.42 11.97 -2.98
N LEU A 350 -9.01 13.15 -3.13
CA LEU A 350 -9.99 13.36 -4.21
C LEU A 350 -9.29 13.44 -5.54
N THR A 351 -8.10 13.99 -5.58
CA THR A 351 -7.40 14.12 -6.84
C THR A 351 -5.91 13.93 -6.63
N SER A 352 -5.15 13.93 -7.71
CA SER A 352 -3.74 13.86 -7.58
C SER A 352 -3.25 15.11 -6.85
N SER A 353 -3.82 16.27 -7.20
CA SER A 353 -3.44 17.57 -6.56
C SER A 353 -3.64 17.53 -5.07
N ASP A 354 -4.81 17.04 -4.67
CA ASP A 354 -5.12 16.92 -3.28
C ASP A 354 -4.16 16.03 -2.54
N LYS A 355 -3.77 14.96 -3.22
CA LYS A 355 -2.84 14.03 -2.67
C LYS A 355 -1.47 14.69 -2.52
N ASN A 356 -1.01 15.42 -3.55
CA ASN A 356 0.16 16.24 -3.36
C ASN A 356 0.06 17.17 -2.13
N THR A 357 -1.05 17.85 -1.97
CA THR A 357 -1.21 18.76 -0.84
C THR A 357 -1.14 18.01 0.48
N TRP A 358 -1.98 17.01 0.62
CA TRP A 358 -1.99 16.19 1.80
C TRP A 358 -0.58 15.61 2.16
N MET A 359 0.18 15.16 1.16
CA MET A 359 1.50 14.64 1.41
C MET A 359 2.51 15.71 1.81
N GLU A 360 2.50 16.82 1.09
CA GLU A 360 3.42 17.90 1.40
C GLU A 360 3.20 18.27 2.87
N LEU A 361 1.95 18.39 3.28
CA LEU A 361 1.70 18.87 4.61
C LEU A 361 1.98 17.80 5.64
N LEU A 362 1.67 16.55 5.29
CA LEU A 362 1.94 15.45 6.19
C LEU A 362 3.42 15.30 6.44
N GLU A 363 4.21 15.33 5.38
CA GLU A 363 5.64 15.19 5.56
C GLU A 363 6.18 16.34 6.44
N GLU A 364 5.77 17.57 6.17
CA GLU A 364 6.25 18.73 6.93
C GLU A 364 5.91 18.53 8.41
N ALA A 365 4.69 18.13 8.69
CA ALA A 365 4.25 18.03 10.07
C ALA A 365 5.03 16.96 10.79
N VAL A 366 5.33 15.87 10.08
CA VAL A 366 6.13 14.80 10.61
C VAL A 366 7.56 15.25 10.93
N ARG A 367 8.18 15.99 10.02
CA ARG A 367 9.52 16.53 10.32
C ARG A 367 9.55 17.36 11.63
N ASN A 368 8.48 18.10 11.91
CA ASN A 368 8.42 18.93 13.12
C ASN A 368 7.82 18.25 14.32
N ALA A 369 7.32 17.04 14.17
CA ALA A 369 6.68 16.36 15.31
C ALA A 369 7.73 15.87 16.31
N ALA B 3 -34.45 43.30 -9.24
CA ALA B 3 -33.14 43.18 -9.96
C ALA B 3 -32.57 41.80 -9.75
N ILE B 4 -31.98 41.19 -10.79
CA ILE B 4 -31.29 39.90 -10.58
C ILE B 4 -29.82 40.19 -10.29
N ARG B 5 -29.38 39.79 -9.10
CA ARG B 5 -28.03 40.07 -8.63
C ARG B 5 -27.22 38.81 -8.61
N LYS B 6 -26.05 38.86 -9.22
CA LYS B 6 -25.18 37.71 -9.18
C LYS B 6 -23.78 38.15 -8.87
N LYS B 7 -23.06 37.27 -8.25
CA LYS B 7 -21.70 37.53 -7.82
C LYS B 7 -20.74 36.70 -8.66
N LEU B 8 -19.78 37.38 -9.29
CA LEU B 8 -18.73 36.74 -10.05
C LEU B 8 -17.37 36.96 -9.36
N VAL B 9 -16.57 35.91 -9.25
CA VAL B 9 -15.27 36.04 -8.71
C VAL B 9 -14.28 35.51 -9.72
N ILE B 10 -13.21 36.24 -9.93
CA ILE B 10 -12.18 35.83 -10.87
C ILE B 10 -10.94 35.28 -10.16
N VAL B 11 -10.51 34.10 -10.57
CA VAL B 11 -9.38 33.45 -9.95
C VAL B 11 -8.38 32.94 -10.96
N GLY B 12 -7.14 32.81 -10.50
CA GLY B 12 -6.03 32.37 -11.35
C GLY B 12 -4.70 32.97 -10.92
N ASP B 13 -3.62 32.64 -11.63
CA ASP B 13 -2.29 33.02 -11.19
C ASP B 13 -2.17 34.51 -11.34
N GLY B 14 -1.31 35.08 -10.52
CA GLY B 14 -1.01 36.50 -10.53
C GLY B 14 -0.48 37.07 -11.82
N ALA B 15 0.06 36.24 -12.70
CA ALA B 15 0.59 36.80 -13.95
C ALA B 15 -0.47 36.92 -15.09
N CYS B 16 -1.67 36.41 -14.84
N CYS B 16 -1.67 36.45 -14.82
CA CYS B 16 -2.50 36.03 -15.92
CA CYS B 16 -2.55 36.06 -15.89
C CYS B 16 -3.50 37.11 -16.34
C CYS B 16 -3.53 37.12 -16.32
N GLY B 17 -3.35 38.34 -15.86
CA GLY B 17 -4.19 39.44 -16.35
C GLY B 17 -5.62 39.51 -15.83
N LYS B 18 -5.87 39.05 -14.62
CA LYS B 18 -7.23 39.10 -14.02
C LYS B 18 -7.77 40.52 -13.97
N THR B 19 -6.96 41.43 -13.46
CA THR B 19 -7.44 42.77 -13.12
C THR B 19 -7.81 43.51 -14.38
N CYS B 20 -6.93 43.40 -15.34
CA CYS B 20 -7.10 44.05 -16.60
C CYS B 20 -8.35 43.57 -17.38
N LEU B 21 -8.57 42.28 -17.40
CA LEU B 21 -9.77 41.73 -17.94
C LEU B 21 -11.07 42.35 -17.35
N LEU B 22 -11.09 42.54 -16.04
CA LEU B 22 -12.24 43.13 -15.37
C LEU B 22 -12.40 44.58 -15.76
N ILE B 23 -11.29 45.21 -16.04
CA ILE B 23 -11.35 46.61 -16.37
C ILE B 23 -11.94 46.82 -17.76
N VAL B 24 -11.56 45.97 -18.72
CA VAL B 24 -12.08 46.18 -20.04
C VAL B 24 -13.54 45.74 -20.11
N PHE B 25 -13.92 44.67 -19.46
CA PHE B 25 -15.31 44.39 -19.40
C PHE B 25 -16.08 45.56 -18.83
N SER B 26 -15.60 46.15 -17.76
CA SER B 26 -16.41 47.07 -16.99
C SER B 26 -16.48 48.41 -17.73
N LYS B 27 -15.36 48.83 -18.34
CA LYS B 27 -15.28 50.09 -19.07
C LYS B 27 -15.58 49.96 -20.58
N ASP B 28 -15.71 48.74 -21.09
CA ASP B 28 -15.78 48.48 -22.53
C ASP B 28 -14.62 49.12 -23.29
N GLN B 29 -13.47 49.21 -22.63
CA GLN B 29 -12.31 49.90 -23.19
C GLN B 29 -10.98 49.36 -22.61
N PHE B 30 -10.05 49.04 -23.49
CA PHE B 30 -8.68 48.77 -23.04
C PHE B 30 -8.04 50.10 -22.69
N PRO B 31 -7.45 50.19 -21.48
CA PRO B 31 -6.97 51.52 -21.08
C PRO B 31 -5.72 51.88 -21.86
N GLU B 32 -5.73 53.08 -22.45
CA GLU B 32 -4.70 53.46 -23.39
C GLU B 32 -3.37 53.72 -22.70
N VAL B 33 -3.35 54.84 -22.00
CA VAL B 33 -2.10 55.37 -21.50
C VAL B 33 -1.63 54.64 -20.25
N TYR B 34 -2.53 54.00 -19.49
CA TYR B 34 -2.19 53.42 -18.17
C TYR B 34 -3.08 52.25 -17.70
N VAL B 35 -2.44 51.14 -17.37
CA VAL B 35 -3.17 50.00 -16.88
C VAL B 35 -3.18 49.98 -15.34
N PRO B 36 -4.35 50.21 -14.73
CA PRO B 36 -4.51 50.21 -13.28
C PRO B 36 -4.15 48.89 -12.64
N THR B 37 -3.62 48.96 -11.43
CA THR B 37 -3.36 47.80 -10.64
C THR B 37 -4.59 47.45 -9.83
N VAL B 38 -5.40 48.47 -9.54
CA VAL B 38 -6.54 48.30 -8.64
C VAL B 38 -7.90 48.28 -9.34
N PHE B 39 -8.64 47.22 -9.09
CA PHE B 39 -10.03 47.10 -9.47
C PHE B 39 -10.86 46.88 -8.19
N GLU B 40 -11.54 47.91 -7.74
CA GLU B 40 -12.44 47.78 -6.56
C GLU B 40 -13.72 46.96 -6.87
N ASN B 41 -14.22 46.26 -5.84
CA ASN B 41 -15.52 45.59 -5.92
C ASN B 41 -16.56 46.54 -6.52
N TYR B 42 -17.35 46.07 -7.46
CA TYR B 42 -18.13 47.00 -8.25
C TYR B 42 -19.29 46.20 -8.87
N VAL B 43 -20.44 46.82 -9.07
CA VAL B 43 -21.53 46.18 -9.77
C VAL B 43 -21.62 46.64 -11.23
N ALA B 44 -21.44 45.72 -12.17
CA ALA B 44 -21.71 45.96 -13.62
C ALA B 44 -23.13 45.51 -14.09
N ASP B 45 -23.71 46.27 -15.01
CA ASP B 45 -25.01 45.89 -15.62
C ASP B 45 -24.74 45.17 -16.93
N ILE B 46 -25.46 44.11 -17.19
CA ILE B 46 -25.25 43.39 -18.44
C ILE B 46 -26.56 42.72 -18.79
N GLU B 47 -26.87 42.62 -20.08
CA GLU B 47 -28.05 41.86 -20.50
C GLU B 47 -27.62 40.58 -21.20
N VAL B 48 -28.23 39.47 -20.87
CA VAL B 48 -27.96 38.27 -21.61
C VAL B 48 -29.27 37.56 -21.75
N ASP B 49 -29.58 37.09 -22.97
CA ASP B 49 -30.80 36.28 -23.22
C ASP B 49 -32.09 36.97 -22.79
N GLY B 50 -32.22 38.25 -23.14
CA GLY B 50 -33.38 39.02 -22.73
C GLY B 50 -33.12 39.69 -21.39
N LYS B 51 -32.56 38.94 -20.44
CA LYS B 51 -32.55 39.34 -19.02
C LYS B 51 -31.51 40.39 -18.60
N GLN B 52 -31.94 41.34 -17.77
CA GLN B 52 -31.06 42.34 -17.19
C GLN B 52 -30.43 41.75 -15.92
N VAL B 53 -29.12 41.87 -15.77
CA VAL B 53 -28.45 41.34 -14.58
C VAL B 53 -27.45 42.35 -14.01
N GLU B 54 -27.44 42.44 -12.69
CA GLU B 54 -26.41 43.17 -11.93
C GLU B 54 -25.35 42.19 -11.47
N LEU B 55 -24.17 42.36 -12.04
CA LEU B 55 -23.07 41.41 -11.87
C LEU B 55 -22.05 42.06 -10.99
N ALA B 56 -21.99 41.61 -9.74
CA ALA B 56 -21.02 42.10 -8.75
C ALA B 56 -19.67 41.48 -9.08
N LEU B 57 -18.69 42.32 -9.40
CA LEU B 57 -17.38 41.86 -9.88
C LEU B 57 -16.36 41.92 -8.74
N TRP B 58 -15.69 40.79 -8.47
CA TRP B 58 -14.61 40.71 -7.46
C TRP B 58 -13.29 40.24 -8.04
N ASP B 59 -12.27 41.07 -7.90
CA ASP B 59 -10.90 40.75 -8.26
C ASP B 59 -10.25 40.03 -7.10
N THR B 60 -9.32 39.13 -7.41
CA THR B 60 -8.53 38.51 -6.37
C THR B 60 -7.01 38.76 -6.51
N ALA B 61 -6.62 39.58 -7.48
CA ALA B 61 -5.22 39.90 -7.72
C ALA B 61 -4.52 40.34 -6.41
N GLY B 62 -3.42 39.67 -6.10
CA GLY B 62 -2.66 40.01 -4.90
C GLY B 62 -2.96 39.04 -3.78
N GLN B 63 -3.90 38.13 -4.00
CA GLN B 63 -4.28 37.20 -2.96
C GLN B 63 -3.68 35.82 -3.17
N GLU B 64 -2.85 35.68 -4.20
CA GLU B 64 -2.43 34.38 -4.66
C GLU B 64 -1.48 33.68 -3.73
N ASP B 65 -0.69 34.43 -2.97
CA ASP B 65 0.17 33.83 -1.93
C ASP B 65 -0.45 33.66 -0.54
N TYR B 66 -1.72 34.00 -0.36
CA TYR B 66 -2.27 34.05 1.01
C TYR B 66 -3.44 33.16 1.12
N ASP B 67 -3.18 31.94 1.55
CA ASP B 67 -4.12 30.87 1.37
C ASP B 67 -5.32 30.98 2.31
N ARG B 68 -5.31 31.88 3.28
CA ARG B 68 -6.48 32.03 4.18
C ARG B 68 -7.14 33.42 4.11
N LEU B 69 -6.58 34.29 3.26
CA LEU B 69 -7.26 35.49 2.81
C LEU B 69 -8.17 35.18 1.61
N ARG B 70 -7.73 34.35 0.65
CA ARG B 70 -8.54 34.01 -0.52
C ARG B 70 -9.93 33.49 -0.27
N PRO B 71 -10.09 32.56 0.66
CA PRO B 71 -11.41 31.99 0.88
C PRO B 71 -12.42 32.99 1.33
N LEU B 72 -11.96 34.16 1.76
CA LEU B 72 -12.91 35.19 2.24
C LEU B 72 -13.77 35.78 1.13
N SER B 73 -13.35 35.64 -0.12
CA SER B 73 -14.10 36.14 -1.26
C SER B 73 -15.12 35.15 -1.75
N TYR B 74 -15.03 33.89 -1.30
CA TYR B 74 -15.77 32.83 -1.93
C TYR B 74 -17.26 32.71 -1.61
N PRO B 75 -17.65 33.03 -0.39
CA PRO B 75 -19.04 32.73 -0.06
C PRO B 75 -20.05 33.44 -0.96
N ASP B 76 -21.18 32.78 -1.21
CA ASP B 76 -22.29 33.28 -2.03
C ASP B 76 -21.87 33.58 -3.45
N THR B 77 -20.78 32.99 -3.92
CA THR B 77 -20.38 33.23 -5.28
C THR B 77 -21.42 32.53 -6.22
N ASP B 78 -21.81 33.15 -7.32
CA ASP B 78 -22.71 32.50 -8.31
C ASP B 78 -22.00 31.98 -9.55
N VAL B 79 -20.83 32.56 -9.89
CA VAL B 79 -20.08 32.04 -10.98
C VAL B 79 -18.62 32.39 -10.80
N ILE B 80 -17.74 31.44 -11.09
CA ILE B 80 -16.32 31.63 -10.98
C ILE B 80 -15.71 31.76 -12.37
N LEU B 81 -14.95 32.81 -12.64
CA LEU B 81 -14.11 32.89 -13.84
C LEU B 81 -12.70 32.43 -13.51
N MET B 82 -12.30 31.26 -13.96
CA MET B 82 -10.98 30.75 -13.70
C MET B 82 -10.06 31.05 -14.90
N CYS B 83 -8.97 31.78 -14.67
CA CYS B 83 -8.09 32.23 -15.74
C CYS B 83 -6.73 31.62 -15.68
N PHE B 84 -6.23 31.35 -16.87
CA PHE B 84 -4.83 31.19 -17.14
C PHE B 84 -4.48 32.13 -18.29
N SER B 85 -3.21 32.19 -18.62
CA SER B 85 -2.78 33.03 -19.68
C SER B 85 -2.17 32.16 -20.76
N ILE B 86 -2.54 32.46 -22.01
CA ILE B 86 -2.16 31.64 -23.17
C ILE B 86 -0.65 31.70 -23.45
N ASP B 87 0.01 32.78 -23.04
CA ASP B 87 1.46 32.81 -23.05
C ASP B 87 2.09 32.18 -21.82
N SER B 88 1.35 31.46 -20.99
CA SER B 88 1.99 30.80 -19.86
C SER B 88 1.40 29.43 -19.53
N PRO B 89 1.98 28.39 -20.10
CA PRO B 89 1.51 27.05 -19.82
C PRO B 89 1.67 26.68 -18.39
N ASP B 90 2.57 27.35 -17.69
CA ASP B 90 2.62 27.19 -16.24
C ASP B 90 1.28 27.56 -15.59
N SER B 91 0.73 28.70 -16.00
CA SER B 91 -0.55 29.12 -15.45
C SER B 91 -1.63 28.14 -15.77
N LEU B 92 -1.58 27.58 -16.97
CA LEU B 92 -2.51 26.51 -17.32
C LEU B 92 -2.39 25.31 -16.38
N GLU B 93 -1.17 24.90 -16.05
CA GLU B 93 -1.05 23.64 -15.28
C GLU B 93 -1.52 23.82 -13.84
N ASN B 94 -1.49 25.05 -13.35
CA ASN B 94 -2.05 25.37 -12.05
C ASN B 94 -3.58 25.32 -11.98
N ILE B 95 -4.22 25.27 -13.14
CA ILE B 95 -5.67 25.19 -13.14
C ILE B 95 -6.15 23.97 -12.36
N PRO B 96 -5.68 22.77 -12.75
CA PRO B 96 -6.09 21.58 -12.00
C PRO B 96 -5.31 21.38 -10.73
N GLU B 97 -4.15 22.00 -10.65
CA GLU B 97 -3.23 21.70 -9.60
C GLU B 97 -3.57 22.58 -8.41
N LYS B 98 -3.88 23.85 -8.67
CA LYS B 98 -4.19 24.80 -7.59
C LYS B 98 -5.65 25.25 -7.56
N TRP B 99 -6.14 25.81 -8.65
CA TRP B 99 -7.37 26.57 -8.56
C TRP B 99 -8.61 25.72 -8.50
N THR B 100 -8.61 24.62 -9.22
CA THR B 100 -9.83 23.83 -9.31
C THR B 100 -10.17 23.22 -7.97
N PRO B 101 -9.23 22.54 -7.33
CA PRO B 101 -9.66 21.98 -6.01
C PRO B 101 -10.13 23.06 -5.01
N GLU B 102 -9.47 24.20 -5.03
CA GLU B 102 -9.83 25.27 -4.11
C GLU B 102 -11.26 25.75 -4.38
N VAL B 103 -11.54 26.00 -5.64
CA VAL B 103 -12.85 26.48 -6.01
C VAL B 103 -13.93 25.43 -5.79
N LYS B 104 -13.63 24.15 -6.04
CA LYS B 104 -14.65 23.13 -5.74
C LYS B 104 -14.85 22.94 -4.27
N HIS B 105 -13.81 23.14 -3.47
CA HIS B 105 -14.01 23.02 -2.05
C HIS B 105 -14.83 24.20 -1.47
N PHE B 106 -14.52 25.43 -1.88
CA PHE B 106 -15.15 26.58 -1.22
C PHE B 106 -16.46 27.00 -1.90
N CYS B 107 -16.61 26.62 -3.16
CA CYS B 107 -17.83 26.91 -3.96
C CYS B 107 -18.37 25.66 -4.60
N PRO B 108 -18.84 24.73 -3.78
CA PRO B 108 -19.41 23.50 -4.33
C PRO B 108 -20.59 23.79 -5.31
N ASN B 109 -20.63 23.13 -6.47
CA ASN B 109 -21.71 23.32 -7.44
C ASN B 109 -21.82 24.72 -8.03
N VAL B 110 -20.79 25.54 -7.92
CA VAL B 110 -20.86 26.83 -8.54
C VAL B 110 -20.25 26.64 -9.92
N PRO B 111 -20.89 27.17 -10.98
CA PRO B 111 -20.34 26.93 -12.29
C PRO B 111 -19.03 27.63 -12.49
N ILE B 112 -18.14 26.96 -13.24
CA ILE B 112 -16.87 27.51 -13.56
C ILE B 112 -16.72 27.76 -15.04
N ILE B 113 -16.26 28.94 -15.40
CA ILE B 113 -15.86 29.13 -16.72
C ILE B 113 -14.34 29.29 -16.82
N LEU B 114 -13.72 28.51 -17.70
CA LEU B 114 -12.28 28.57 -17.87
C LEU B 114 -12.00 29.54 -18.98
N VAL B 115 -11.09 30.46 -18.69
CA VAL B 115 -10.74 31.51 -19.63
C VAL B 115 -9.26 31.49 -19.91
N GLY B 116 -8.92 31.44 -21.21
CA GLY B 116 -7.55 31.66 -21.66
C GLY B 116 -7.40 33.11 -22.05
N ASN B 117 -6.77 33.91 -21.19
CA ASN B 117 -6.45 35.29 -21.50
C ASN B 117 -5.25 35.39 -22.45
N LYS B 118 -5.00 36.61 -22.89
CA LYS B 118 -3.87 36.97 -23.70
C LYS B 118 -3.76 36.21 -25.02
N LYS B 119 -4.89 35.98 -25.70
CA LYS B 119 -4.87 35.09 -26.87
C LYS B 119 -4.13 35.77 -28.03
N ASP B 120 -4.02 37.07 -27.97
CA ASP B 120 -3.31 37.84 -28.94
C ASP B 120 -1.82 37.51 -28.94
N LEU B 121 -1.37 36.69 -28.01
CA LEU B 121 0.04 36.42 -27.87
C LEU B 121 0.33 35.02 -28.36
N ARG B 122 -0.70 34.23 -28.65
CA ARG B 122 -0.43 32.90 -29.15
C ARG B 122 0.57 33.02 -30.33
N ASN B 123 0.49 34.11 -31.09
CA ASN B 123 1.32 34.23 -32.29
C ASN B 123 2.22 35.44 -32.34
N ASP B 124 2.54 35.98 -31.17
CA ASP B 124 3.51 37.02 -31.03
C ASP B 124 4.86 36.35 -30.97
N GLU B 125 5.84 36.85 -31.72
CA GLU B 125 7.08 36.11 -31.87
C GLU B 125 7.97 36.29 -30.63
N HIS B 126 8.03 37.52 -30.10
CA HIS B 126 8.77 37.72 -28.84
C HIS B 126 8.34 36.65 -27.86
N THR B 127 7.05 36.37 -27.83
CA THR B 127 6.51 35.38 -26.90
C THR B 127 6.92 33.94 -27.27
N ARG B 128 6.78 33.59 -28.55
CA ARG B 128 7.13 32.25 -29.03
C ARG B 128 8.57 31.92 -28.66
N ARG B 129 9.44 32.91 -28.81
CA ARG B 129 10.86 32.69 -28.59
C ARG B 129 11.16 32.60 -27.12
N GLU B 130 10.64 33.52 -26.33
CA GLU B 130 10.86 33.42 -24.89
C GLU B 130 10.48 32.03 -24.38
N LEU B 131 9.39 31.47 -24.89
CA LEU B 131 8.91 30.19 -24.37
C LEU B 131 9.70 29.03 -24.97
N ALA B 132 10.27 29.27 -26.15
CA ALA B 132 11.35 28.43 -26.67
C ALA B 132 12.42 28.10 -25.62
N LYS B 133 12.97 29.13 -24.98
CA LYS B 133 14.07 28.95 -24.02
C LYS B 133 13.74 27.95 -22.92
N MET B 134 12.68 28.21 -22.15
CA MET B 134 12.24 27.22 -21.15
C MET B 134 11.58 26.03 -21.85
N LYS B 135 11.65 26.01 -23.17
CA LYS B 135 11.29 24.84 -23.97
C LYS B 135 9.78 24.68 -24.02
N GLN B 136 9.07 25.79 -24.08
CA GLN B 136 7.60 25.79 -24.08
C GLN B 136 7.04 26.53 -25.29
N GLU B 137 5.73 26.41 -25.44
CA GLU B 137 5.05 27.22 -26.42
C GLU B 137 3.62 27.59 -26.02
N PRO B 138 3.07 28.65 -26.64
CA PRO B 138 1.76 29.11 -26.28
C PRO B 138 0.74 28.01 -26.25
N VAL B 139 -0.21 28.17 -25.35
CA VAL B 139 -1.23 27.18 -25.15
C VAL B 139 -2.10 27.12 -26.40
N LYS B 140 -2.65 25.95 -26.69
CA LYS B 140 -3.46 25.83 -27.88
C LYS B 140 -4.88 25.61 -27.48
N PRO B 141 -5.82 26.08 -28.29
CA PRO B 141 -7.22 25.99 -27.91
C PRO B 141 -7.67 24.59 -27.56
N GLU B 142 -7.06 23.58 -28.18
CA GLU B 142 -7.48 22.21 -27.92
C GLU B 142 -7.10 21.84 -26.50
N GLU B 143 -5.96 22.34 -26.04
CA GLU B 143 -5.43 22.07 -24.69
C GLU B 143 -6.31 22.81 -23.67
N GLY B 144 -6.58 24.09 -23.94
CA GLY B 144 -7.56 24.86 -23.19
C GLY B 144 -8.86 24.13 -23.07
N ARG B 145 -9.40 23.73 -24.20
CA ARG B 145 -10.68 23.07 -24.25
C ARG B 145 -10.68 21.74 -23.50
N ASP B 146 -9.60 20.99 -23.60
CA ASP B 146 -9.50 19.71 -22.91
C ASP B 146 -9.40 19.90 -21.41
N MET B 147 -8.69 20.94 -20.97
CA MET B 147 -8.65 21.22 -19.54
C MET B 147 -10.06 21.54 -19.09
N ALA B 148 -10.79 22.34 -19.90
CA ALA B 148 -12.15 22.69 -19.53
C ALA B 148 -13.04 21.47 -19.26
N ASN B 149 -12.96 20.43 -20.10
CA ASN B 149 -13.78 19.21 -19.84
C ASN B 149 -13.21 18.45 -18.71
N ARG B 150 -11.88 18.46 -18.64
CA ARG B 150 -11.20 17.82 -17.51
C ARG B 150 -11.73 18.33 -16.17
N ILE B 151 -11.77 19.65 -16.02
CA ILE B 151 -12.23 20.19 -14.73
C ILE B 151 -13.74 20.31 -14.58
N GLY B 152 -14.57 19.97 -15.57
CA GLY B 152 -16.03 20.07 -15.38
C GLY B 152 -16.50 21.52 -15.57
N ALA B 153 -15.76 22.27 -16.34
CA ALA B 153 -16.21 23.64 -16.56
C ALA B 153 -17.51 23.70 -17.34
N PHE B 154 -18.28 24.75 -17.11
CA PHE B 154 -19.51 24.98 -17.80
C PHE B 154 -19.20 25.43 -19.24
N GLY B 155 -18.06 26.03 -19.44
CA GLY B 155 -17.66 26.45 -20.77
C GLY B 155 -16.21 26.90 -20.78
N TYR B 156 -15.66 27.03 -21.98
CA TYR B 156 -14.31 27.51 -22.25
C TYR B 156 -14.34 28.67 -23.19
N MET B 157 -13.46 29.62 -22.95
CA MET B 157 -13.52 30.82 -23.72
C MET B 157 -12.12 31.38 -23.83
N GLU B 158 -11.77 32.02 -24.95
CA GLU B 158 -10.51 32.75 -25.00
C GLU B 158 -10.76 34.22 -25.24
N CYS B 159 -9.86 35.07 -24.77
CA CYS B 159 -9.97 36.48 -25.02
C CYS B 159 -8.63 37.17 -25.01
N SER B 160 -8.67 38.41 -25.46
CA SER B 160 -7.51 39.26 -25.44
C SER B 160 -8.03 40.54 -24.88
N ALA B 161 -7.53 40.93 -23.73
CA ALA B 161 -7.95 42.21 -23.19
C ALA B 161 -7.52 43.35 -24.07
N LYS B 162 -6.34 43.25 -24.69
CA LYS B 162 -5.77 44.38 -25.43
C LYS B 162 -6.68 44.73 -26.59
N THR B 163 -7.18 43.70 -27.28
CA THR B 163 -8.05 43.94 -28.44
C THR B 163 -9.54 44.03 -28.07
N LYS B 164 -9.88 43.73 -26.82
CA LYS B 164 -11.26 43.46 -26.36
C LYS B 164 -11.91 42.24 -26.99
N ASP B 165 -11.15 41.50 -27.77
CA ASP B 165 -11.71 40.37 -28.48
C ASP B 165 -12.15 39.21 -27.53
N GLY B 166 -13.44 38.88 -27.52
CA GLY B 166 -13.95 37.80 -26.70
C GLY B 166 -14.26 38.24 -25.27
N VAL B 167 -13.93 39.48 -24.91
CA VAL B 167 -14.13 39.91 -23.54
C VAL B 167 -15.59 39.89 -23.16
N ARG B 168 -16.40 40.66 -23.88
CA ARG B 168 -17.84 40.61 -23.61
C ARG B 168 -18.31 39.17 -23.54
N GLU B 169 -17.81 38.35 -24.44
CA GLU B 169 -18.37 37.03 -24.60
C GLU B 169 -18.02 36.20 -23.36
N VAL B 170 -16.87 36.48 -22.80
CA VAL B 170 -16.53 35.84 -21.53
C VAL B 170 -17.59 36.06 -20.47
N PHE B 171 -17.96 37.31 -20.29
CA PHE B 171 -18.86 37.68 -19.22
C PHE B 171 -20.30 37.26 -19.49
N GLU B 172 -20.64 37.28 -20.77
CA GLU B 172 -21.97 36.84 -21.16
C GLU B 172 -22.07 35.38 -20.83
N MET B 173 -21.05 34.61 -21.16
CA MET B 173 -21.09 33.17 -20.75
C MET B 173 -21.16 33.00 -19.24
N ALA B 174 -20.37 33.78 -18.52
CA ALA B 174 -20.38 33.66 -17.05
C ALA B 174 -21.74 33.99 -16.47
N THR B 175 -22.37 34.97 -17.11
CA THR B 175 -23.69 35.38 -16.63
C THR B 175 -24.74 34.30 -16.92
N ARG B 176 -24.71 33.71 -18.13
CA ARG B 176 -25.63 32.60 -18.43
C ARG B 176 -25.42 31.49 -17.43
N ALA B 177 -24.17 31.21 -17.07
CA ALA B 177 -23.91 30.14 -16.10
C ALA B 177 -24.51 30.51 -14.74
N ALA B 178 -24.42 31.79 -14.38
CA ALA B 178 -25.01 32.23 -13.11
C ALA B 178 -26.54 32.04 -13.08
N LEU B 179 -27.16 32.22 -14.23
CA LEU B 179 -28.62 32.07 -14.30
C LEU B 179 -29.13 30.64 -14.31
N GLN B 180 -28.40 29.69 -14.91
CA GLN B 180 -28.88 28.27 -14.98
C GLN B 180 -29.42 27.77 -13.67
N GLN C 2 -2.29 -61.00 3.18
CA GLN C 2 -2.85 -60.10 2.19
C GLN C 2 -4.10 -59.46 2.73
N ASN C 3 -4.47 -59.80 3.94
CA ASN C 3 -5.72 -59.36 4.53
C ASN C 3 -5.95 -60.21 5.71
N TRP C 4 -6.08 -59.59 6.87
CA TRP C 4 -6.11 -60.33 8.08
C TRP C 4 -7.27 -61.27 8.10
N GLN C 5 -8.45 -60.76 7.78
CA GLN C 5 -9.68 -61.49 8.05
C GLN C 5 -9.80 -62.68 7.10
N HIS C 6 -9.51 -62.47 5.82
CA HIS C 6 -9.41 -63.57 4.85
C HIS C 6 -8.14 -64.38 4.90
N THR C 7 -7.16 -64.03 5.73
CA THR C 7 -5.98 -64.92 5.88
C THR C 7 -6.11 -65.57 7.24
N VAL C 8 -5.57 -64.92 8.25
CA VAL C 8 -5.54 -65.49 9.60
C VAL C 8 -6.90 -65.26 10.27
N GLY C 9 -7.93 -65.80 9.65
CA GLY C 9 -9.31 -65.58 10.11
C GLY C 9 -10.26 -66.64 9.60
N LYS C 10 -11.32 -66.90 10.38
CA LYS C 10 -12.10 -68.13 10.26
C LYS C 10 -13.33 -68.13 11.19
N ASP C 11 -13.39 -69.16 12.04
CA ASP C 11 -14.05 -69.08 13.32
C ASP C 11 -13.16 -68.27 14.26
N VAL C 12 -12.29 -67.45 13.70
CA VAL C 12 -11.57 -66.43 14.44
C VAL C 12 -12.33 -65.10 14.33
N VAL C 13 -12.88 -64.79 13.16
CA VAL C 13 -13.58 -63.51 12.89
C VAL C 13 -14.97 -63.52 13.51
N ALA C 14 -15.48 -64.72 13.81
CA ALA C 14 -16.89 -64.89 14.16
C ALA C 14 -17.25 -64.19 15.48
N GLY C 15 -16.37 -64.30 16.47
CA GLY C 15 -16.64 -63.65 17.76
C GLY C 15 -16.34 -62.17 17.84
N LEU C 16 -16.11 -61.48 16.71
CA LEU C 16 -15.65 -60.09 16.79
C LEU C 16 -16.55 -59.07 16.15
N THR C 17 -16.50 -57.89 16.70
CA THR C 17 -17.04 -56.69 16.12
C THR C 17 -16.36 -56.27 14.84
N GLN C 18 -17.03 -55.44 14.05
CA GLN C 18 -16.41 -54.80 12.89
C GLN C 18 -15.30 -53.84 13.31
N ARG C 19 -15.46 -53.23 14.47
CA ARG C 19 -14.47 -52.28 14.98
C ARG C 19 -13.17 -53.04 15.33
N GLU C 20 -13.31 -54.16 15.99
CA GLU C 20 -12.15 -54.98 16.31
C GLU C 20 -11.50 -55.67 15.10
N ILE C 21 -12.31 -56.09 14.15
CA ILE C 21 -11.79 -56.61 12.91
C ILE C 21 -11.03 -55.51 12.19
N ASP C 22 -11.56 -54.29 12.12
CA ASP C 22 -10.87 -53.25 11.42
C ASP C 22 -9.53 -52.99 12.13
N ARG C 23 -9.55 -53.10 13.45
CA ARG C 23 -8.39 -52.83 14.25
C ARG C 23 -7.35 -53.88 13.96
N GLN C 24 -7.76 -55.13 13.83
CA GLN C 24 -6.80 -56.18 13.53
C GLN C 24 -6.17 -55.98 12.14
N GLU C 25 -6.94 -55.43 11.20
CA GLU C 25 -6.47 -55.22 9.84
C GLU C 25 -5.37 -54.16 9.84
N VAL C 26 -5.57 -53.06 10.55
CA VAL C 26 -4.52 -52.08 10.65
C VAL C 26 -3.27 -52.63 11.32
N ILE C 27 -3.43 -53.41 12.37
CA ILE C 27 -2.27 -53.98 13.03
C ILE C 27 -1.52 -54.96 12.12
N ASN C 28 -2.26 -55.83 11.51
CA ASN C 28 -1.72 -56.66 10.48
C ASN C 28 -0.94 -55.85 9.40
N GLU C 29 -1.48 -54.73 8.88
CA GLU C 29 -0.81 -53.95 7.86
C GLU C 29 0.54 -53.42 8.44
N LEU C 30 0.49 -53.01 9.70
CA LEU C 30 1.70 -52.50 10.32
C LEU C 30 2.77 -53.57 10.38
N PHE C 31 2.37 -54.77 10.72
CA PHE C 31 3.30 -55.89 10.85
C PHE C 31 3.88 -56.27 9.50
N VAL C 32 3.04 -56.37 8.49
CA VAL C 32 3.45 -56.91 7.24
C VAL C 32 4.31 -55.87 6.51
N THR C 33 3.96 -54.60 6.61
CA THR C 33 4.75 -53.54 6.01
C THR C 33 6.02 -53.32 6.77
N GLU C 34 6.06 -53.68 8.03
CA GLU C 34 7.34 -53.57 8.70
C GLU C 34 8.34 -54.63 8.21
N ALA C 35 7.85 -55.87 8.05
CA ALA C 35 8.70 -56.98 7.50
C ALA C 35 9.13 -56.61 6.07
N SER C 36 8.21 -56.04 5.32
CA SER C 36 8.48 -55.56 3.99
C SER C 36 9.53 -54.40 3.92
N HIS C 37 9.48 -53.50 4.88
CA HIS C 37 10.48 -52.46 4.97
C HIS C 37 11.88 -52.97 5.24
N LEU C 38 12.00 -53.83 6.24
CA LEU C 38 13.24 -54.53 6.51
C LEU C 38 13.81 -55.28 5.30
N ARG C 39 12.93 -55.92 4.54
N ARG C 39 12.92 -55.90 4.54
CA ARG C 39 13.36 -56.57 3.30
CA ARG C 39 13.31 -56.60 3.31
C ARG C 39 14.02 -55.54 2.39
C ARG C 39 13.96 -55.58 2.33
N THR C 40 13.41 -54.37 2.26
CA THR C 40 13.97 -53.32 1.44
C THR C 40 15.35 -52.88 1.94
N LEU C 41 15.52 -52.80 3.24
CA LEU C 41 16.81 -52.52 3.81
C LEU C 41 17.80 -53.63 3.50
N ARG C 42 17.39 -54.88 3.50
CA ARG C 42 18.35 -55.93 3.22
C ARG C 42 18.66 -55.97 1.72
N VAL C 43 17.75 -55.50 0.88
CA VAL C 43 18.13 -55.30 -0.51
C VAL C 43 19.23 -54.22 -0.59
N LEU C 44 19.11 -53.10 0.15
CA LEU C 44 20.15 -52.10 0.10
C LEU C 44 21.43 -52.70 0.58
N ASP C 45 21.36 -53.51 1.62
CA ASP C 45 22.56 -54.10 2.20
C ASP C 45 23.24 -55.06 1.22
N LEU C 46 22.46 -55.98 0.65
CA LEU C 46 23.02 -57.12 -0.09
C LEU C 46 23.31 -56.77 -1.54
N ILE C 47 22.40 -56.10 -2.21
CA ILE C 47 22.66 -55.72 -3.57
C ILE C 47 23.62 -54.54 -3.74
N PHE C 48 23.67 -53.61 -2.81
CA PHE C 48 24.48 -52.40 -3.03
C PHE C 48 25.64 -52.26 -2.07
N TYR C 49 25.32 -52.00 -0.82
CA TYR C 49 26.33 -51.71 0.19
C TYR C 49 27.44 -52.77 0.34
N GLN C 50 27.07 -54.02 0.57
CA GLN C 50 28.07 -55.07 0.81
C GLN C 50 29.00 -55.28 -0.40
N ARG C 51 28.43 -55.21 -1.59
CA ARG C 51 29.16 -55.40 -2.79
C ARG C 51 30.04 -54.17 -3.08
N MET C 52 29.55 -52.98 -2.74
CA MET C 52 30.33 -51.77 -2.97
C MET C 52 31.56 -51.76 -2.09
N LYS C 53 31.42 -52.38 -0.93
CA LYS C 53 32.49 -52.42 0.05
C LYS C 53 33.52 -53.49 -0.35
N LYS C 54 33.04 -54.73 -0.50
CA LYS C 54 33.87 -55.88 -0.76
C LYS C 54 34.63 -55.72 -2.05
N GLU C 55 33.98 -55.20 -3.08
CA GLU C 55 34.62 -55.06 -4.37
C GLU C 55 35.24 -53.68 -4.61
N ASN C 56 35.34 -52.89 -3.54
CA ASN C 56 35.98 -51.59 -3.58
C ASN C 56 35.55 -50.77 -4.74
N LEU C 57 34.26 -50.56 -4.86
CA LEU C 57 33.74 -49.74 -5.95
C LEU C 57 33.91 -48.28 -5.68
N MET C 58 34.12 -47.93 -4.42
CA MET C 58 34.47 -46.57 -4.07
C MET C 58 35.24 -46.57 -2.74
N PRO C 59 35.93 -45.48 -2.45
CA PRO C 59 36.61 -45.38 -1.19
C PRO C 59 35.64 -45.52 -0.02
N ARG C 60 36.11 -46.15 1.06
N ARG C 60 36.10 -46.15 1.06
CA ARG C 60 35.32 -46.34 2.28
CA ARG C 60 35.26 -46.35 2.26
C ARG C 60 34.71 -45.03 2.78
C ARG C 60 34.70 -45.02 2.79
N GLU C 61 35.48 -43.95 2.70
CA GLU C 61 35.04 -42.66 3.23
C GLU C 61 33.84 -42.15 2.42
N GLU C 62 33.79 -42.49 1.14
CA GLU C 62 32.65 -42.10 0.32
C GLU C 62 31.48 -43.00 0.59
N LEU C 63 31.75 -44.27 0.76
CA LEU C 63 30.70 -45.20 0.95
C LEU C 63 30.00 -44.92 2.27
N ALA C 64 30.75 -44.50 3.28
CA ALA C 64 30.21 -44.24 4.63
C ALA C 64 29.30 -43.01 4.62
N ARG C 65 29.49 -42.10 3.68
CA ARG C 65 28.57 -41.00 3.58
C ARG C 65 27.29 -41.40 2.85
N LEU C 66 27.36 -42.38 1.98
CA LEU C 66 26.20 -42.90 1.29
C LEU C 66 25.36 -43.82 2.15
N PHE C 67 26.00 -44.69 2.88
CA PHE C 67 25.37 -45.61 3.79
C PHE C 67 25.97 -45.43 5.18
N PRO C 68 25.54 -44.29 5.87
CA PRO C 68 26.23 -44.08 7.15
C PRO C 68 26.20 -45.22 8.18
N ASN C 69 25.08 -45.84 8.40
CA ASN C 69 24.86 -46.61 9.58
C ASN C 69 23.82 -47.66 9.26
N LEU C 70 23.96 -48.27 8.12
CA LEU C 70 23.03 -49.22 7.62
C LEU C 70 22.90 -50.44 8.52
N PRO C 71 23.97 -50.98 9.04
CA PRO C 71 23.74 -52.11 9.92
C PRO C 71 22.89 -51.72 11.11
N GLU C 72 23.07 -50.51 11.61
CA GLU C 72 22.39 -50.15 12.85
C GLU C 72 20.93 -49.89 12.51
N LEU C 73 20.71 -49.29 11.36
CA LEU C 73 19.36 -49.04 10.90
C LEU C 73 18.68 -50.36 10.69
N ILE C 74 19.36 -51.34 10.14
CA ILE C 74 18.75 -52.65 10.00
C ILE C 74 18.33 -53.30 11.35
N GLU C 75 19.23 -53.31 12.32
N GLU C 75 19.20 -53.33 12.35
CA GLU C 75 18.97 -53.96 13.61
CA GLU C 75 18.86 -54.08 13.55
C GLU C 75 17.77 -53.36 14.30
C GLU C 75 17.85 -53.35 14.44
N ILE C 76 17.66 -52.04 14.22
CA ILE C 76 16.53 -51.35 14.79
C ILE C 76 15.22 -51.91 14.24
N HIS C 77 15.13 -52.02 12.93
CA HIS C 77 13.91 -52.55 12.39
C HIS C 77 13.85 -54.03 12.58
N ASN C 78 14.99 -54.72 12.55
CA ASN C 78 14.96 -56.17 12.76
C ASN C 78 14.43 -56.50 14.16
N SER C 79 14.91 -55.77 15.16
CA SER C 79 14.62 -56.12 16.54
C SER C 79 13.14 -55.91 16.80
N TRP C 80 12.58 -54.83 16.24
CA TRP C 80 11.15 -54.53 16.43
C TRP C 80 10.29 -55.59 15.74
N CYS C 81 10.67 -55.94 14.54
CA CYS C 81 10.11 -57.07 13.83
C CYS C 81 10.05 -58.36 14.60
N GLU C 82 11.17 -58.75 15.19
CA GLU C 82 11.17 -59.90 16.07
C GLU C 82 10.17 -59.77 17.20
N ALA C 83 10.09 -58.61 17.83
CA ALA C 83 9.11 -58.40 18.90
C ALA C 83 7.68 -58.53 18.39
N MET C 84 7.44 -58.06 17.16
CA MET C 84 6.13 -58.27 16.50
C MET C 84 5.81 -59.71 16.30
N LYS C 85 6.83 -60.47 15.91
CA LYS C 85 6.71 -61.90 15.67
C LYS C 85 6.30 -62.56 16.96
N LYS C 86 6.96 -62.18 18.03
CA LYS C 86 6.74 -62.79 19.31
C LYS C 86 5.33 -62.54 19.83
N LEU C 87 4.87 -61.30 19.73
CA LEU C 87 3.50 -60.99 20.08
C LEU C 87 2.53 -61.85 19.29
N ARG C 88 2.73 -61.93 18.00
CA ARG C 88 1.90 -62.75 17.14
C ARG C 88 1.93 -64.26 17.53
N GLU C 89 2.97 -64.71 18.23
CA GLU C 89 3.04 -66.12 18.63
C GLU C 89 1.89 -66.49 19.52
N GLU C 90 1.65 -65.67 20.52
CA GLU C 90 0.65 -66.00 21.50
C GLU C 90 -0.76 -65.59 21.10
N GLY C 91 -1.18 -65.97 19.90
CA GLY C 91 -2.54 -65.69 19.41
C GLY C 91 -2.57 -64.89 18.11
N PRO C 92 -3.43 -65.27 17.16
CA PRO C 92 -3.66 -64.53 15.89
C PRO C 92 -4.44 -63.25 16.05
N ILE C 93 -5.27 -63.18 17.09
CA ILE C 93 -5.94 -61.93 17.45
C ILE C 93 -5.07 -61.12 18.43
N ILE C 94 -4.52 -60.02 17.95
CA ILE C 94 -3.54 -59.29 18.75
C ILE C 94 -4.27 -58.42 19.72
N LYS C 95 -3.78 -58.42 20.95
CA LYS C 95 -4.48 -57.77 22.04
C LYS C 95 -3.90 -56.37 22.23
N GLU C 96 -3.41 -56.03 23.41
CA GLU C 96 -2.85 -54.72 23.65
C GLU C 96 -1.56 -54.68 22.88
N ILE C 97 -1.37 -53.58 22.19
CA ILE C 97 -0.18 -53.40 21.40
C ILE C 97 0.70 -52.23 21.87
N SER C 98 0.25 -51.46 22.85
CA SER C 98 0.87 -50.17 23.07
C SER C 98 2.26 -50.30 23.65
N ASP C 99 2.53 -51.34 24.41
CA ASP C 99 3.88 -51.49 24.93
C ASP C 99 4.84 -51.72 23.77
N LEU C 100 4.39 -52.46 22.77
CA LEU C 100 5.21 -52.76 21.60
C LEU C 100 5.53 -51.48 20.82
N MET C 101 4.58 -50.59 20.79
CA MET C 101 4.79 -49.31 20.18
C MET C 101 5.77 -48.51 21.01
N LEU C 102 5.55 -48.44 22.31
CA LEU C 102 6.38 -47.60 23.13
C LEU C 102 7.78 -48.12 23.12
N ALA C 103 7.94 -49.42 22.96
CA ALA C 103 9.24 -50.01 22.98
C ALA C 103 10.05 -49.59 21.73
N ARG C 104 9.39 -49.12 20.68
CA ARG C 104 10.11 -48.53 19.53
C ARG C 104 10.11 -47.01 19.51
N PHE C 105 9.09 -46.37 20.08
CA PHE C 105 8.96 -44.91 19.87
C PHE C 105 9.05 -44.00 21.08
N ASP C 106 9.30 -44.59 22.26
CA ASP C 106 9.40 -43.85 23.50
C ASP C 106 10.78 -43.96 24.13
N GLY C 107 11.07 -43.04 25.02
CA GLY C 107 12.27 -43.09 25.83
C GLY C 107 13.53 -43.22 24.99
N PRO C 108 14.46 -44.05 25.48
CA PRO C 108 15.73 -44.25 24.78
C PRO C 108 15.54 -44.73 23.31
N ALA C 109 14.51 -45.52 23.07
CA ALA C 109 14.29 -46.11 21.78
C ALA C 109 13.91 -45.03 20.78
N ARG C 110 13.21 -43.99 21.24
CA ARG C 110 13.03 -42.76 20.48
C ARG C 110 14.35 -42.12 20.10
N GLU C 111 15.22 -41.90 21.07
CA GLU C 111 16.43 -41.13 20.84
C GLU C 111 17.25 -41.82 19.80
N GLU C 112 17.39 -43.13 19.97
CA GLU C 112 18.13 -43.98 19.09
C GLU C 112 17.56 -43.93 17.65
N LEU C 113 16.25 -44.13 17.51
CA LEU C 113 15.66 -44.14 16.19
C LEU C 113 15.79 -42.81 15.51
N GLN C 114 15.50 -41.71 16.18
CA GLN C 114 15.57 -40.45 15.44
C GLN C 114 17.00 -40.12 15.07
N GLN C 115 17.97 -40.49 15.91
CA GLN C 115 19.37 -40.16 15.57
C GLN C 115 19.95 -41.00 14.45
N VAL C 116 19.69 -42.29 14.47
CA VAL C 116 20.15 -43.17 13.41
C VAL C 116 19.47 -42.79 12.09
N ALA C 117 18.16 -42.66 12.10
CA ALA C 117 17.49 -42.27 10.88
C ALA C 117 17.94 -40.90 10.42
N ALA C 118 18.18 -40.00 11.34
CA ALA C 118 18.59 -38.62 10.90
C ALA C 118 19.96 -38.68 10.23
N GLN C 119 20.83 -39.51 10.75
CA GLN C 119 22.14 -39.62 10.17
C GLN C 119 22.06 -40.30 8.79
N PHE C 120 21.19 -41.29 8.70
CA PHE C 120 21.05 -41.99 7.47
C PHE C 120 20.57 -41.05 6.40
N CYS C 121 19.60 -40.19 6.71
CA CYS C 121 18.96 -39.35 5.66
C CYS C 121 19.56 -38.00 5.41
N SER C 122 20.25 -37.43 6.38
CA SER C 122 20.45 -35.97 6.37
C SER C 122 21.33 -35.55 5.21
N TYR C 123 22.29 -36.38 4.87
CA TYR C 123 23.20 -36.06 3.78
C TYR C 123 22.78 -36.74 2.45
N GLN C 124 21.64 -37.41 2.41
CA GLN C 124 21.35 -38.35 1.30
C GLN C 124 21.28 -37.67 -0.04
N SER C 125 20.61 -36.52 -0.09
CA SER C 125 20.48 -35.80 -1.36
C SER C 125 21.85 -35.58 -1.97
N ILE C 126 22.78 -35.17 -1.15
CA ILE C 126 24.09 -34.80 -1.65
C ILE C 126 24.84 -36.03 -2.08
N ALA C 127 24.79 -37.09 -1.28
CA ALA C 127 25.41 -38.35 -1.65
C ALA C 127 24.90 -38.88 -2.96
N LEU C 128 23.59 -38.77 -3.19
CA LEU C 128 23.03 -39.27 -4.43
C LEU C 128 23.51 -38.53 -5.66
N GLU C 129 23.72 -37.23 -5.54
CA GLU C 129 24.18 -36.41 -6.62
C GLU C 129 25.63 -36.83 -6.92
N LEU C 130 26.38 -37.15 -5.88
CA LEU C 130 27.73 -37.65 -6.11
C LEU C 130 27.75 -38.99 -6.84
N ILE C 131 26.86 -39.89 -6.45
CA ILE C 131 26.73 -41.17 -7.15
C ILE C 131 26.35 -40.93 -8.61
N LYS C 132 25.46 -39.99 -8.88
CA LYS C 132 25.09 -39.72 -10.24
C LYS C 132 26.33 -39.34 -11.06
N THR C 133 27.19 -38.52 -10.47
CA THR C 133 28.35 -38.04 -11.14
C THR C 133 29.34 -39.14 -11.38
N LYS C 134 29.45 -40.01 -10.41
CA LYS C 134 30.42 -41.09 -10.49
C LYS C 134 30.00 -42.08 -11.59
N GLN C 135 28.69 -42.23 -11.74
CA GLN C 135 28.15 -43.10 -12.75
C GLN C 135 28.46 -42.50 -14.11
N ARG C 136 28.44 -41.19 -14.17
CA ARG C 136 28.74 -40.48 -15.41
C ARG C 136 30.25 -40.59 -15.79
N LYS C 137 31.11 -40.73 -14.82
CA LYS C 137 32.54 -40.60 -15.09
C LYS C 137 33.34 -41.87 -15.04
N GLU C 138 32.82 -42.91 -14.40
N GLU C 138 32.82 -42.91 -14.40
CA GLU C 138 33.60 -44.13 -14.23
CA GLU C 138 33.60 -44.12 -14.21
C GLU C 138 32.85 -45.33 -14.79
C GLU C 138 32.87 -45.35 -14.77
N SER C 139 33.40 -45.90 -15.86
CA SER C 139 32.78 -47.03 -16.52
C SER C 139 32.54 -48.13 -15.52
N ARG C 140 33.49 -48.45 -14.66
CA ARG C 140 33.32 -49.63 -13.81
C ARG C 140 32.11 -49.41 -12.88
N PHE C 141 31.96 -48.20 -12.36
CA PHE C 141 30.87 -47.92 -11.43
C PHE C 141 29.54 -47.82 -12.18
N GLN C 142 29.53 -47.22 -13.36
CA GLN C 142 28.31 -47.18 -14.16
C GLN C 142 27.78 -48.57 -14.47
N LEU C 143 28.70 -49.47 -14.86
CA LEU C 143 28.38 -50.89 -15.14
C LEU C 143 27.91 -51.60 -13.91
N PHE C 144 28.63 -51.40 -12.81
CA PHE C 144 28.23 -52.06 -11.59
C PHE C 144 26.78 -51.68 -11.16
N MET C 145 26.40 -50.42 -11.31
CA MET C 145 25.10 -49.97 -10.95
C MET C 145 23.99 -50.54 -11.85
N GLN C 146 24.25 -50.59 -13.16
CA GLN C 146 23.34 -51.24 -14.10
C GLN C 146 23.08 -52.68 -13.72
N GLU C 147 24.14 -53.40 -13.38
CA GLU C 147 24.00 -54.78 -13.00
C GLU C 147 23.25 -54.89 -11.70
N ALA C 148 23.62 -54.08 -10.71
CA ALA C 148 22.94 -54.18 -9.44
C ALA C 148 21.43 -53.84 -9.60
N GLU C 149 21.11 -52.81 -10.39
CA GLU C 149 19.75 -52.38 -10.54
C GLU C 149 18.91 -53.33 -11.42
N SER C 150 19.58 -54.24 -12.11
CA SER C 150 18.86 -55.28 -12.85
C SER C 150 18.50 -56.44 -11.98
N HIS C 151 19.06 -56.54 -10.79
N HIS C 151 19.07 -56.55 -10.79
CA HIS C 151 18.65 -57.63 -9.91
CA HIS C 151 18.67 -57.67 -9.94
C HIS C 151 17.12 -57.58 -9.68
C HIS C 151 17.16 -57.60 -9.63
N PRO C 152 16.44 -58.74 -9.68
CA PRO C 152 14.99 -58.79 -9.45
C PRO C 152 14.51 -58.16 -8.14
N GLN C 153 15.24 -58.45 -7.07
CA GLN C 153 15.02 -57.85 -5.76
C GLN C 153 14.84 -56.36 -5.74
N CYS C 154 15.34 -55.64 -6.73
CA CYS C 154 15.13 -54.22 -6.84
C CYS C 154 13.79 -53.75 -7.34
N ARG C 155 12.97 -54.73 -7.78
CA ARG C 155 11.66 -54.53 -8.35
C ARG C 155 11.66 -53.42 -9.38
N ARG C 156 12.68 -53.39 -10.18
CA ARG C 156 12.80 -52.40 -11.22
C ARG C 156 13.00 -51.01 -10.73
N LEU C 157 13.29 -50.85 -9.45
CA LEU C 157 13.66 -49.53 -8.98
C LEU C 157 15.18 -49.31 -8.98
N GLN C 158 15.56 -48.04 -9.04
CA GLN C 158 16.98 -47.69 -8.93
C GLN C 158 17.35 -47.40 -7.50
N LEU C 159 18.64 -47.33 -7.25
CA LEU C 159 19.10 -47.03 -5.89
C LEU C 159 18.48 -45.76 -5.31
N ARG C 160 18.51 -44.69 -6.07
CA ARG C 160 17.92 -43.44 -5.61
C ARG C 160 16.46 -43.58 -5.30
N ASP C 161 15.80 -44.57 -5.87
CA ASP C 161 14.37 -44.89 -5.58
C ASP C 161 14.21 -45.76 -4.32
N LEU C 162 15.26 -46.48 -3.94
CA LEU C 162 15.16 -47.40 -2.82
C LEU C 162 15.70 -46.81 -1.51
N ILE C 163 16.78 -46.05 -1.63
CA ILE C 163 17.47 -45.57 -0.47
C ILE C 163 16.62 -44.59 0.34
N ILE C 164 15.62 -44.02 -0.29
CA ILE C 164 14.74 -43.11 0.43
C ILE C 164 13.69 -43.81 1.33
N SER C 165 13.70 -45.13 1.34
CA SER C 165 12.67 -45.89 1.97
C SER C 165 12.62 -45.66 3.49
N GLU C 166 13.74 -45.40 4.13
CA GLU C 166 13.69 -45.18 5.55
C GLU C 166 12.85 -43.96 5.88
N MET C 167 13.09 -42.86 5.19
CA MET C 167 12.31 -41.68 5.45
C MET C 167 10.84 -41.96 5.23
N GLN C 168 10.54 -42.69 4.15
CA GLN C 168 9.17 -42.92 3.83
C GLN C 168 8.52 -43.75 4.90
N ARG C 169 9.26 -44.74 5.41
CA ARG C 169 8.70 -45.62 6.40
C ARG C 169 8.34 -44.87 7.64
N LEU C 170 9.23 -43.99 8.09
CA LEU C 170 8.92 -43.15 9.24
C LEU C 170 7.63 -42.32 9.10
N THR C 171 7.37 -41.84 7.92
CA THR C 171 6.16 -41.08 7.72
C THR C 171 4.90 -41.96 7.84
N LYS C 172 5.00 -43.29 7.80
CA LYS C 172 3.81 -44.09 7.94
C LYS C 172 3.41 -44.32 9.36
N TYR C 173 4.34 -44.22 10.29
CA TYR C 173 4.01 -44.65 11.63
C TYR C 173 2.82 -43.86 12.23
N PRO C 174 2.81 -42.54 12.14
CA PRO C 174 1.77 -41.72 12.66
C PRO C 174 0.42 -42.09 12.11
N LEU C 175 0.38 -42.31 10.81
CA LEU C 175 -0.84 -42.65 10.13
C LEU C 175 -1.31 -43.98 10.59
N LEU C 176 -0.41 -44.95 10.60
CA LEU C 176 -0.82 -46.29 11.10
C LEU C 176 -1.33 -46.25 12.54
N LEU C 177 -0.64 -45.51 13.40
CA LEU C 177 -1.10 -45.37 14.80
C LEU C 177 -2.44 -44.65 14.90
N GLU C 178 -2.58 -43.57 14.13
CA GLU C 178 -3.85 -42.88 14.09
C GLU C 178 -4.97 -43.89 13.80
N SER C 179 -4.73 -44.71 12.80
CA SER C 179 -5.73 -45.61 12.40
C SER C 179 -5.97 -46.72 13.46
N ILE C 180 -4.97 -47.12 14.20
CA ILE C 180 -5.20 -48.08 15.25
C ILE C 180 -5.97 -47.47 16.42
N ILE C 181 -5.61 -46.25 16.77
CA ILE C 181 -6.27 -45.51 17.81
C ILE C 181 -7.77 -45.31 17.54
N LYS C 182 -8.09 -45.01 16.29
CA LYS C 182 -9.44 -44.74 15.88
C LYS C 182 -10.35 -45.94 16.12
N HIS C 183 -9.80 -47.16 16.19
CA HIS C 183 -10.54 -48.40 16.41
C HIS C 183 -10.22 -49.00 17.76
N THR C 184 -9.76 -48.17 18.67
CA THR C 184 -9.34 -48.59 19.98
C THR C 184 -10.28 -47.86 20.94
N GLU C 185 -10.73 -48.61 21.95
CA GLU C 185 -11.71 -48.13 22.91
C GLU C 185 -11.12 -46.93 23.63
N GLY C 186 -11.85 -45.82 23.60
CA GLY C 186 -11.44 -44.60 24.29
C GLY C 186 -11.34 -44.77 25.79
N GLY C 187 -10.77 -43.76 26.44
CA GLY C 187 -10.64 -43.75 27.88
C GLY C 187 -9.69 -44.76 28.51
N THR C 188 -9.30 -45.83 27.82
CA THR C 188 -8.39 -46.83 28.44
C THR C 188 -6.97 -46.34 28.43
N SER C 189 -6.07 -47.13 29.01
CA SER C 189 -4.69 -46.73 29.11
C SER C 189 -3.93 -47.23 27.88
N GLU C 190 -4.38 -48.34 27.32
CA GLU C 190 -3.97 -48.75 25.99
C GLU C 190 -4.18 -47.59 25.00
N HIS C 191 -5.33 -46.93 25.05
CA HIS C 191 -5.60 -45.74 24.21
C HIS C 191 -4.64 -44.59 24.40
N GLU C 192 -4.45 -44.26 25.67
CA GLU C 192 -3.62 -43.17 26.10
C GLU C 192 -2.19 -43.40 25.64
N LYS C 193 -1.75 -44.64 25.78
CA LYS C 193 -0.40 -45.03 25.44
C LYS C 193 -0.16 -45.01 23.92
N LEU C 194 -1.20 -45.31 23.14
CA LEU C 194 -1.08 -45.22 21.69
C LEU C 194 -1.01 -43.79 21.29
N CYS C 195 -1.79 -42.94 21.92
CA CYS C 195 -1.64 -41.52 21.64
C CYS C 195 -0.24 -41.00 21.93
N ARG C 196 0.37 -41.51 22.99
N ARG C 196 0.37 -41.51 22.99
CA ARG C 196 1.70 -41.04 23.32
CA ARG C 196 1.71 -41.07 23.34
C ARG C 196 2.69 -41.47 22.20
C ARG C 196 2.70 -41.47 22.21
N ALA C 197 2.58 -42.71 21.75
CA ALA C 197 3.45 -43.27 20.74
C ALA C 197 3.28 -42.53 19.43
N ARG C 198 2.03 -42.18 19.13
CA ARG C 198 1.72 -41.39 17.92
C ARG C 198 2.41 -40.07 18.01
N ASP C 199 2.28 -39.42 19.15
CA ASP C 199 2.90 -38.10 19.34
C ASP C 199 4.42 -38.15 19.24
N GLN C 200 5.00 -39.24 19.72
CA GLN C 200 6.43 -39.41 19.67
C GLN C 200 6.88 -39.67 18.25
N CYS C 201 6.15 -40.51 17.49
CA CYS C 201 6.50 -40.66 16.06
C CYS C 201 6.53 -39.33 15.31
N ARG C 202 5.62 -38.43 15.60
CA ARG C 202 5.66 -37.10 14.98
C ARG C 202 6.91 -36.35 15.37
N GLU C 203 7.27 -36.39 16.66
CA GLU C 203 8.48 -35.68 17.09
C GLU C 203 9.71 -36.28 16.42
N ILE C 204 9.75 -37.59 16.28
CA ILE C 204 10.81 -38.23 15.53
C ILE C 204 10.89 -37.70 14.11
N LEU C 205 9.76 -37.59 13.43
CA LEU C 205 9.75 -36.98 12.08
C LEU C 205 10.19 -35.52 12.09
N LYS C 206 9.80 -34.78 13.12
CA LYS C 206 10.29 -33.41 13.28
C LYS C 206 11.79 -33.32 13.41
N TYR C 207 12.37 -34.25 14.13
CA TYR C 207 13.79 -34.23 14.38
C TYR C 207 14.54 -34.58 13.07
N VAL C 208 14.03 -35.53 12.34
CA VAL C 208 14.66 -35.89 11.08
C VAL C 208 14.50 -34.75 10.08
N ASN C 209 13.33 -34.15 10.07
CA ASN C 209 13.11 -32.98 9.21
C ASN C 209 14.16 -31.90 9.53
N GLU C 210 14.37 -31.64 10.81
CA GLU C 210 15.30 -30.57 11.20
C GLU C 210 16.74 -30.94 10.80
N ALA C 211 17.09 -32.20 10.98
CA ALA C 211 18.42 -32.60 10.71
C ALA C 211 18.73 -32.50 9.20
N VAL C 212 17.73 -32.82 8.37
CA VAL C 212 17.89 -32.66 6.93
C VAL C 212 18.00 -31.19 6.64
N LYS C 213 17.10 -30.40 7.20
CA LYS C 213 17.14 -28.96 6.99
C LYS C 213 18.52 -28.37 7.27
N GLN C 214 19.07 -28.66 8.46
CA GLN C 214 20.35 -28.08 8.83
C GLN C 214 21.51 -28.64 7.98
N THR C 215 21.57 -29.93 7.77
CA THR C 215 22.64 -30.45 6.94
C THR C 215 22.60 -29.83 5.54
N GLU C 216 21.44 -29.75 4.91
CA GLU C 216 21.40 -29.24 3.53
C GLU C 216 21.68 -27.74 3.52
N ASN C 217 21.16 -27.03 4.51
CA ASN C 217 21.36 -25.59 4.57
C ASN C 217 22.86 -25.29 4.71
N ARG C 218 23.56 -26.04 5.53
CA ARG C 218 24.94 -25.63 5.75
C ARG C 218 25.78 -25.97 4.52
N HIS C 219 25.56 -27.13 3.89
N HIS C 219 25.53 -27.11 3.89
CA HIS C 219 26.15 -27.42 2.57
CA HIS C 219 26.19 -27.42 2.64
C HIS C 219 25.83 -26.31 1.58
C HIS C 219 25.77 -26.46 1.51
N ARG C 220 24.57 -25.89 1.53
N ARG C 220 24.57 -25.91 1.60
CA ARG C 220 24.18 -24.87 0.59
CA ARG C 220 24.11 -24.89 0.65
C ARG C 220 24.84 -23.53 0.90
C ARG C 220 24.78 -23.53 0.90
N LEU C 221 24.97 -23.22 2.17
CA LEU C 221 25.58 -21.98 2.57
C LEU C 221 27.07 -21.98 2.28
N GLU C 222 27.74 -23.09 2.54
CA GLU C 222 29.13 -23.23 2.10
C GLU C 222 29.22 -22.87 0.63
N GLY C 223 28.34 -23.44 -0.17
CA GLY C 223 28.34 -23.19 -1.59
C GLY C 223 28.16 -21.73 -1.89
N TYR C 224 27.30 -21.04 -1.14
CA TYR C 224 26.98 -19.64 -1.41
C TYR C 224 28.15 -18.72 -0.98
N GLN C 225 28.84 -19.07 0.09
CA GLN C 225 30.00 -18.28 0.54
C GLN C 225 31.07 -18.15 -0.56
N LYS C 226 31.48 -19.28 -1.12
CA LYS C 226 32.28 -19.32 -2.35
C LYS C 226 31.80 -18.43 -3.49
N ARG C 227 30.49 -18.24 -3.65
CA ARG C 227 30.01 -17.40 -4.76
C ARG C 227 29.79 -15.96 -4.32
N LEU C 228 30.00 -15.73 -3.04
CA LEU C 228 29.68 -14.46 -2.45
C LEU C 228 30.76 -13.46 -2.79
N ASP C 229 30.33 -12.33 -3.33
CA ASP C 229 31.20 -11.17 -3.54
C ASP C 229 30.69 -9.95 -2.76
N ALA C 230 31.33 -9.69 -1.63
CA ALA C 230 31.07 -8.50 -0.83
C ALA C 230 32.12 -7.38 -1.03
N THR C 231 32.93 -7.45 -2.08
CA THR C 231 34.06 -6.51 -2.22
C THR C 231 33.63 -5.04 -2.21
N ALA C 232 32.51 -4.72 -2.86
CA ALA C 232 32.00 -3.35 -2.92
C ALA C 232 31.52 -2.80 -1.57
N LEU C 233 31.82 -3.50 -0.48
CA LEU C 233 31.49 -3.02 0.87
C LEU C 233 32.72 -2.61 1.68
N GLU C 234 33.91 -2.81 1.13
CA GLU C 234 35.15 -2.59 1.90
C GLU C 234 35.41 -1.12 2.13
N ARG C 235 35.17 -0.31 1.13
CA ARG C 235 34.96 1.08 1.40
C ARG C 235 33.63 1.43 0.84
N ALA C 236 32.68 1.58 1.75
CA ALA C 236 31.33 1.87 1.38
C ALA C 236 30.79 3.03 2.17
N SER C 237 30.06 3.86 1.45
CA SER C 237 29.29 4.94 2.01
C SER C 237 28.65 4.58 3.35
N ASN C 238 27.74 3.62 3.28
CA ASN C 238 26.84 3.26 4.35
C ASN C 238 27.48 2.65 5.58
N PRO C 239 27.46 3.36 6.69
CA PRO C 239 28.08 2.84 7.90
C PRO C 239 27.65 1.41 8.25
N LEU C 240 26.35 1.19 8.27
CA LEU C 240 25.79 -0.13 8.59
C LEU C 240 26.30 -1.22 7.63
N ALA C 241 26.56 -0.85 6.38
CA ALA C 241 27.00 -1.80 5.36
C ALA C 241 28.46 -2.22 5.49
N ALA C 242 29.28 -1.37 6.11
CA ALA C 242 30.71 -1.57 6.11
C ALA C 242 31.12 -2.81 6.89
N GLU C 243 30.57 -2.97 8.09
CA GLU C 243 30.89 -4.15 8.90
C GLU C 243 30.64 -5.50 8.23
N PHE C 244 29.94 -5.52 7.10
CA PHE C 244 29.66 -6.77 6.42
C PHE C 244 30.52 -6.93 5.20
N LYS C 245 31.64 -6.21 5.19
CA LYS C 245 32.66 -6.45 4.17
C LYS C 245 33.14 -7.90 4.20
N SER C 246 33.16 -8.50 5.40
CA SER C 246 33.64 -9.87 5.57
C SER C 246 32.53 -10.84 6.08
N LEU C 247 31.37 -10.79 5.44
CA LEU C 247 30.24 -11.55 5.91
C LEU C 247 30.50 -13.02 5.76
N ASP C 248 30.26 -13.77 6.83
CA ASP C 248 30.45 -15.20 6.80
C ASP C 248 29.11 -15.87 6.97
N LEU C 249 28.53 -16.30 5.86
CA LEU C 249 27.25 -17.03 5.84
C LEU C 249 27.33 -18.35 6.59
N THR C 250 28.47 -19.01 6.53
CA THR C 250 28.68 -20.28 7.25
C THR C 250 28.42 -20.24 8.76
N THR C 251 28.52 -19.07 9.38
CA THR C 251 28.41 -19.00 10.84
C THR C 251 26.99 -18.80 11.32
N ARG C 252 26.03 -18.72 10.39
CA ARG C 252 24.63 -18.50 10.77
C ARG C 252 23.75 -19.61 10.27
N LYS C 253 22.61 -19.78 10.92
CA LYS C 253 21.59 -20.64 10.40
C LYS C 253 20.69 -19.84 9.45
N MET C 254 20.23 -20.53 8.40
CA MET C 254 19.28 -19.99 7.43
C MET C 254 17.85 -20.44 7.74
N ILE C 255 16.93 -19.48 7.75
CA ILE C 255 15.54 -19.76 8.01
C ILE C 255 14.84 -20.04 6.67
N HIS C 256 15.16 -19.24 5.65
CA HIS C 256 14.39 -19.27 4.41
C HIS C 256 15.16 -18.53 3.36
N GLU C 257 14.78 -18.72 2.12
CA GLU C 257 15.40 -18.02 1.02
C GLU C 257 14.47 -18.04 -0.16
N GLY C 258 14.64 -17.11 -1.07
CA GLY C 258 13.78 -17.09 -2.24
C GLY C 258 14.00 -15.83 -3.05
N PRO C 259 13.55 -15.86 -4.31
CA PRO C 259 13.62 -14.69 -5.12
C PRO C 259 12.62 -13.71 -4.62
N LEU C 260 12.98 -12.44 -4.69
CA LEU C 260 12.07 -11.35 -4.36
C LEU C 260 12.51 -10.18 -5.24
N THR C 261 11.58 -9.42 -5.76
CA THR C 261 12.01 -8.30 -6.60
C THR C 261 11.86 -7.03 -5.77
N TRP C 262 12.86 -6.17 -5.85
CA TRP C 262 12.90 -4.95 -5.07
C TRP C 262 12.44 -3.67 -5.80
N ARG C 263 11.39 -3.02 -5.29
CA ARG C 263 10.86 -1.74 -5.85
C ARG C 263 11.58 -0.52 -5.23
N ILE C 264 12.73 -0.16 -5.80
CA ILE C 264 13.66 0.77 -5.13
C ILE C 264 13.22 2.21 -5.37
N SER C 265 13.02 2.56 -6.62
CA SER C 265 12.43 3.82 -6.98
C SER C 265 11.23 3.50 -7.81
N LYS C 266 10.29 4.43 -7.90
CA LYS C 266 9.28 4.37 -8.96
C LYS C 266 10.11 4.30 -10.25
N ASP C 267 9.67 3.47 -11.19
CA ASP C 267 10.36 3.31 -12.48
C ASP C 267 11.63 2.44 -12.45
N LYS C 268 12.13 2.04 -11.27
CA LYS C 268 13.29 1.14 -11.20
C LYS C 268 13.17 -0.07 -10.23
N THR C 269 13.66 -1.21 -10.72
CA THR C 269 13.40 -2.52 -10.14
C THR C 269 14.62 -3.46 -10.19
N LEU C 270 14.81 -4.24 -9.13
CA LEU C 270 15.97 -5.12 -9.02
C LEU C 270 15.53 -6.49 -8.57
N ASP C 271 15.93 -7.51 -9.33
CA ASP C 271 15.58 -8.87 -9.04
C ASP C 271 16.60 -9.49 -8.08
N LEU C 272 16.16 -9.86 -6.88
CA LEU C 272 17.07 -10.35 -5.86
C LEU C 272 16.88 -11.81 -5.56
N HIS C 273 17.93 -12.39 -4.99
CA HIS C 273 17.79 -13.60 -4.23
C HIS C 273 18.01 -13.24 -2.80
N VAL C 274 17.08 -13.57 -1.89
CA VAL C 274 17.29 -13.15 -0.54
C VAL C 274 17.36 -14.25 0.50
N LEU C 275 18.23 -14.06 1.47
CA LEU C 275 18.46 -15.05 2.51
C LEU C 275 17.88 -14.50 3.77
N LEU C 276 17.05 -15.30 4.44
CA LEU C 276 16.64 -14.97 5.76
C LEU C 276 17.43 -15.84 6.73
N LEU C 277 18.43 -15.25 7.34
CA LEU C 277 19.25 -15.93 8.37
C LEU C 277 18.70 -15.57 9.76
N GLU C 278 19.23 -16.18 10.82
CA GLU C 278 18.68 -16.01 12.17
C GLU C 278 18.68 -14.55 12.58
N ASP C 279 19.77 -13.89 12.24
CA ASP C 279 20.03 -12.58 12.77
C ASP C 279 19.97 -11.48 11.69
N LEU C 280 20.12 -11.86 10.43
CA LEU C 280 20.21 -10.94 9.32
C LEU C 280 19.24 -11.26 8.21
N LEU C 281 18.92 -10.22 7.44
CA LEU C 281 18.35 -10.35 6.11
C LEU C 281 19.40 -9.94 5.09
N VAL C 282 19.54 -10.70 4.01
CA VAL C 282 20.61 -10.49 3.04
C VAL C 282 20.12 -10.42 1.61
N LEU C 283 20.44 -9.34 0.93
CA LEU C 283 19.87 -9.03 -0.38
C LEU C 283 20.93 -9.18 -1.39
N LEU C 284 20.86 -10.26 -2.15
CA LEU C 284 21.89 -10.59 -3.07
C LEU C 284 21.45 -10.33 -4.50
N GLN C 285 22.39 -9.97 -5.36
CA GLN C 285 22.17 -9.96 -6.81
C GLN C 285 22.94 -11.09 -7.49
N LYS C 286 22.19 -11.91 -8.25
CA LYS C 286 22.78 -12.96 -9.08
C LYS C 286 23.43 -12.30 -10.29
N GLN C 287 24.70 -12.59 -10.51
CA GLN C 287 25.41 -12.10 -11.68
C GLN C 287 26.00 -13.31 -12.36
N ASP C 288 25.18 -13.99 -13.16
CA ASP C 288 25.50 -15.32 -13.64
C ASP C 288 25.63 -16.19 -12.38
N GLU C 289 26.83 -16.67 -12.08
CA GLU C 289 27.08 -17.60 -10.98
C GLU C 289 27.50 -16.85 -9.71
N LYS C 290 27.57 -15.53 -9.82
CA LYS C 290 28.08 -14.71 -8.74
C LYS C 290 26.92 -14.32 -7.86
N LEU C 291 27.17 -14.19 -6.56
CA LEU C 291 26.18 -13.62 -5.65
C LEU C 291 26.83 -12.41 -5.06
N LEU C 292 26.37 -11.23 -5.46
CA LEU C 292 27.02 -10.05 -4.94
C LEU C 292 26.19 -9.19 -4.00
N LEU C 293 26.89 -8.73 -2.98
CA LEU C 293 26.41 -7.74 -2.05
C LEU C 293 26.94 -6.37 -2.45
N LYS C 294 26.05 -5.42 -2.58
CA LYS C 294 26.47 -4.04 -2.65
C LYS C 294 25.37 -3.10 -2.18
N CYS C 295 25.74 -1.84 -1.96
CA CYS C 295 24.79 -0.80 -1.67
C CYS C 295 24.09 -0.44 -2.97
N HIS C 296 22.97 0.25 -2.89
CA HIS C 296 22.20 0.51 -4.10
C HIS C 296 21.61 1.91 -4.01
N SER C 297 21.30 2.46 -5.17
CA SER C 297 21.08 3.91 -5.35
C SER C 297 19.66 4.34 -5.09
N LYS C 298 19.50 5.34 -4.23
CA LYS C 298 18.31 6.23 -4.19
C LYS C 298 17.31 5.87 -3.10
N THR C 309 22.27 5.90 0.39
CA THR C 309 22.17 4.62 -0.30
C THR C 309 21.62 3.53 0.62
N PHE C 310 21.22 2.39 0.01
CA PHE C 310 20.61 1.29 0.74
C PHE C 310 21.60 0.18 1.05
N SER C 311 21.70 -0.19 2.33
CA SER C 311 22.48 -1.35 2.78
C SER C 311 21.84 -2.60 2.24
N PRO C 312 22.65 -3.58 1.85
CA PRO C 312 22.14 -4.86 1.43
C PRO C 312 22.06 -5.88 2.55
N VAL C 313 22.42 -5.50 3.77
CA VAL C 313 22.33 -6.39 4.92
C VAL C 313 21.59 -5.66 6.01
N LEU C 314 20.48 -6.22 6.49
CA LEU C 314 19.72 -5.63 7.60
C LEU C 314 19.78 -6.55 8.81
N LYS C 315 19.83 -5.96 10.00
CA LYS C 315 19.79 -6.71 11.23
C LYS C 315 18.37 -6.83 11.64
N LEU C 316 17.93 -8.05 11.94
CA LEU C 316 16.55 -8.31 12.24
C LEU C 316 16.14 -7.72 13.57
N ASN C 317 17.10 -7.48 14.46
CA ASN C 317 16.74 -6.85 15.74
C ASN C 317 16.41 -5.37 15.55
N ALA C 318 16.67 -4.85 14.35
CA ALA C 318 16.40 -3.43 14.03
C ALA C 318 15.37 -3.20 12.93
N VAL C 319 14.41 -4.12 12.73
CA VAL C 319 13.46 -3.90 11.65
C VAL C 319 12.02 -4.09 12.03
N LEU C 320 11.14 -3.47 11.24
CA LEU C 320 9.72 -3.68 11.36
C LEU C 320 9.25 -4.29 10.07
N ILE C 321 8.21 -5.10 10.17
CA ILE C 321 7.59 -5.72 9.02
C ILE C 321 6.23 -5.11 8.83
N ARG C 322 5.92 -4.70 7.61
CA ARG C 322 4.67 -3.97 7.39
C ARG C 322 4.13 -4.41 6.03
N SER C 323 2.80 -4.51 5.93
N SER C 323 2.80 -4.51 5.93
CA SER C 323 2.15 -4.92 4.69
CA SER C 323 2.16 -4.92 4.69
C SER C 323 1.03 -4.00 4.31
C SER C 323 1.03 -4.00 4.31
N VAL C 324 0.77 -3.95 3.00
CA VAL C 324 -0.38 -3.31 2.43
C VAL C 324 -1.37 -4.41 2.07
N ALA C 325 -2.54 -4.40 2.71
CA ALA C 325 -3.61 -5.35 2.39
C ALA C 325 -4.05 -5.29 0.91
N THR C 326 -3.81 -4.14 0.29
CA THR C 326 -4.17 -3.90 -1.08
C THR C 326 -3.17 -4.50 -2.12
N ASP C 327 -1.99 -4.94 -1.68
CA ASP C 327 -0.99 -5.45 -2.63
C ASP C 327 -0.71 -6.88 -2.27
N LYS C 328 -1.17 -7.79 -3.14
CA LYS C 328 -1.22 -9.21 -2.81
C LYS C 328 0.17 -9.83 -2.62
N ARG C 329 1.15 -9.26 -3.33
CA ARG C 329 2.49 -9.80 -3.44
C ARG C 329 3.57 -9.03 -2.68
N ALA C 330 3.31 -7.79 -2.29
CA ALA C 330 4.37 -6.89 -1.80
C ALA C 330 4.27 -6.63 -0.33
N PHE C 331 5.40 -6.34 0.29
CA PHE C 331 5.41 -5.98 1.70
C PHE C 331 6.66 -5.16 1.94
N PHE C 332 6.81 -4.63 3.15
CA PHE C 332 7.79 -3.62 3.40
C PHE C 332 8.60 -4.03 4.58
N ILE C 333 9.91 -3.81 4.45
CA ILE C 333 10.79 -3.90 5.60
C ILE C 333 11.37 -2.53 5.92
N ILE C 334 11.14 -2.11 7.17
CA ILE C 334 11.58 -0.82 7.63
C ILE C 334 12.79 -1.05 8.52
N CYS C 335 13.95 -0.55 8.09
CA CYS C 335 15.19 -0.70 8.83
C CYS C 335 15.48 0.58 9.63
N THR C 336 15.20 0.55 10.94
CA THR C 336 15.38 1.73 11.79
C THR C 336 16.87 1.89 12.11
N SER C 337 17.42 3.05 11.78
CA SER C 337 18.81 3.28 12.06
C SER C 337 18.91 3.98 13.39
N LYS C 338 20.14 4.19 13.83
CA LYS C 338 20.41 4.96 15.03
C LYS C 338 21.15 6.25 14.71
N LEU C 339 21.70 6.35 13.50
CA LEU C 339 22.14 7.63 12.96
C LEU C 339 20.96 8.05 12.08
N GLY C 340 20.95 7.57 10.84
CA GLY C 340 20.08 8.11 9.81
C GLY C 340 18.64 7.89 10.15
N PRO C 341 17.73 8.32 9.26
CA PRO C 341 16.31 8.07 9.44
C PRO C 341 15.92 6.66 8.97
N PRO C 342 14.68 6.22 9.24
CA PRO C 342 14.31 4.86 8.86
C PRO C 342 14.37 4.64 7.35
N GLN C 343 14.80 3.44 6.97
CA GLN C 343 15.06 3.12 5.58
C GLN C 343 13.99 2.09 5.12
N ILE C 344 13.42 2.29 3.94
CA ILE C 344 12.24 1.51 3.51
C ILE C 344 12.60 0.62 2.31
N TYR C 345 12.32 -0.67 2.43
CA TYR C 345 12.57 -1.64 1.35
C TYR C 345 11.24 -2.24 0.90
N GLU C 346 10.83 -1.97 -0.34
CA GLU C 346 9.59 -2.55 -0.82
C GLU C 346 9.92 -3.75 -1.66
N LEU C 347 9.41 -4.90 -1.24
CA LEU C 347 9.78 -6.18 -1.83
C LEU C 347 8.55 -6.92 -2.27
N VAL C 348 8.68 -7.67 -3.35
CA VAL C 348 7.56 -8.30 -4.05
C VAL C 348 7.87 -9.79 -4.13
N ALA C 349 7.03 -10.57 -3.47
CA ALA C 349 7.01 -12.02 -3.59
C ALA C 349 6.46 -12.47 -4.95
N LEU C 350 6.67 -13.73 -5.26
CA LEU C 350 6.23 -14.31 -6.54
C LEU C 350 4.70 -14.40 -6.69
N THR C 351 3.99 -14.62 -5.59
CA THR C 351 2.55 -14.84 -5.60
C THR C 351 2.01 -14.36 -4.29
N SER C 352 0.70 -14.44 -4.12
CA SER C 352 0.12 -14.04 -2.83
C SER C 352 0.51 -15.05 -1.78
N SER C 353 0.54 -16.34 -2.15
CA SER C 353 1.03 -17.42 -1.27
C SER C 353 2.45 -17.18 -0.78
N ASP C 354 3.28 -16.69 -1.69
CA ASP C 354 4.67 -16.47 -1.35
C ASP C 354 4.84 -15.31 -0.37
N LYS C 355 4.07 -14.25 -0.59
CA LYS C 355 4.03 -13.15 0.34
C LYS C 355 3.65 -13.66 1.71
N ASN C 356 2.60 -14.45 1.78
N ASN C 356 2.59 -14.44 1.84
CA ASN C 356 2.07 -14.96 3.04
CA ASN C 356 2.17 -14.85 3.20
C ASN C 356 3.17 -15.71 3.80
C ASN C 356 3.27 -15.68 3.84
N THR C 357 3.93 -16.51 3.03
CA THR C 357 5.04 -17.31 3.50
C THR C 357 6.17 -16.42 4.02
N TRP C 358 6.63 -15.50 3.19
CA TRP C 358 7.73 -14.63 3.61
C TRP C 358 7.35 -13.84 4.90
N MET C 359 6.11 -13.40 4.90
CA MET C 359 5.56 -12.58 5.93
C MET C 359 5.56 -13.31 7.25
N GLU C 360 5.00 -14.53 7.24
CA GLU C 360 4.92 -15.38 8.41
C GLU C 360 6.33 -15.49 8.99
N LEU C 361 7.27 -15.89 8.13
CA LEU C 361 8.61 -16.26 8.61
C LEU C 361 9.45 -15.07 9.06
N LEU C 362 9.32 -13.93 8.37
CA LEU C 362 9.94 -12.70 8.85
C LEU C 362 9.41 -12.29 10.20
N GLU C 363 8.09 -12.24 10.32
CA GLU C 363 7.50 -11.77 11.58
C GLU C 363 8.05 -12.62 12.70
N GLU C 364 8.16 -13.92 12.46
CA GLU C 364 8.61 -14.84 13.49
C GLU C 364 10.09 -14.63 13.84
N ALA C 365 10.92 -14.36 12.83
CA ALA C 365 12.37 -14.33 13.06
C ALA C 365 12.73 -13.04 13.77
N VAL C 366 11.98 -12.00 13.42
CA VAL C 366 12.12 -10.69 14.06
C VAL C 366 11.82 -10.76 15.56
N ARG C 367 10.69 -11.37 15.93
N ARG C 367 10.67 -11.32 15.92
CA ARG C 367 10.36 -11.47 17.34
CA ARG C 367 10.36 -11.57 17.34
C ARG C 367 11.31 -12.36 18.15
C ARG C 367 11.58 -12.14 18.03
N ASN C 368 12.06 -13.26 17.50
CA ASN C 368 13.07 -14.07 18.19
C ASN C 368 14.45 -13.50 18.06
N ALA C 369 14.58 -12.32 17.46
CA ALA C 369 15.90 -11.80 17.15
C ALA C 369 16.46 -10.90 18.27
N ALA D 3 13.76 -49.55 -22.12
CA ALA D 3 12.32 -49.22 -21.84
C ALA D 3 12.24 -47.76 -21.49
N ILE D 4 11.08 -47.15 -21.69
CA ILE D 4 10.96 -45.76 -21.26
C ILE D 4 10.55 -45.65 -19.77
N ARG D 5 11.37 -45.01 -18.96
CA ARG D 5 11.11 -44.82 -17.54
C ARG D 5 10.67 -43.41 -17.21
N LYS D 6 9.57 -43.28 -16.49
CA LYS D 6 9.10 -41.98 -16.03
C LYS D 6 8.70 -42.03 -14.55
N LYS D 7 8.94 -40.95 -13.81
CA LYS D 7 8.68 -40.95 -12.40
C LYS D 7 7.54 -40.04 -12.19
N LEU D 8 6.54 -40.59 -11.53
CA LEU D 8 5.39 -39.84 -11.16
C LEU D 8 5.38 -39.67 -9.64
N VAL D 9 5.08 -38.46 -9.17
CA VAL D 9 4.92 -38.18 -7.78
C VAL D 9 3.59 -37.53 -7.54
N ILE D 10 2.87 -38.02 -6.56
CA ILE D 10 1.51 -37.50 -6.26
C ILE D 10 1.59 -36.62 -5.03
N VAL D 11 1.08 -35.39 -5.16
CA VAL D 11 1.10 -34.39 -4.07
C VAL D 11 -0.28 -33.86 -3.78
N GLY D 12 -0.45 -33.36 -2.56
CA GLY D 12 -1.73 -32.71 -2.13
C GLY D 12 -2.04 -32.95 -0.67
N ASP D 13 -3.17 -32.43 -0.19
CA ASP D 13 -3.47 -32.52 1.24
C ASP D 13 -3.66 -33.91 1.67
N GLY D 14 -3.48 -34.12 2.97
CA GLY D 14 -3.56 -35.46 3.55
C GLY D 14 -4.91 -36.10 3.49
N ALA D 15 -5.98 -35.32 3.45
CA ALA D 15 -7.31 -35.94 3.47
C ALA D 15 -7.77 -36.47 2.09
N CYS D 16 -6.98 -36.25 1.03
CA CYS D 16 -7.58 -36.13 -0.28
C CYS D 16 -7.51 -37.44 -1.08
N GLY D 17 -7.21 -38.55 -0.41
CA GLY D 17 -7.17 -39.87 -1.07
C GLY D 17 -6.00 -40.20 -2.00
N LYS D 18 -4.82 -39.60 -1.82
CA LYS D 18 -3.68 -39.89 -2.72
C LYS D 18 -3.36 -41.38 -2.72
N THR D 19 -3.34 -41.99 -1.54
CA THR D 19 -2.79 -43.34 -1.43
C THR D 19 -3.71 -44.32 -2.13
N CYS D 20 -4.97 -44.22 -1.79
CA CYS D 20 -5.99 -45.06 -2.38
C CYS D 20 -6.02 -44.90 -3.89
N LEU D 21 -5.87 -43.67 -4.37
CA LEU D 21 -5.81 -43.49 -5.80
C LEU D 21 -4.70 -44.31 -6.42
N LEU D 22 -3.52 -44.31 -5.82
CA LEU D 22 -2.43 -45.10 -6.33
C LEU D 22 -2.73 -46.59 -6.31
N ILE D 23 -3.36 -47.04 -5.21
CA ILE D 23 -3.63 -48.44 -4.98
C ILE D 23 -4.51 -48.95 -6.12
N VAL D 24 -5.55 -48.21 -6.38
CA VAL D 24 -6.52 -48.62 -7.38
C VAL D 24 -5.93 -48.63 -8.76
N PHE D 25 -5.17 -47.61 -9.14
CA PHE D 25 -4.54 -47.62 -10.41
C PHE D 25 -3.69 -48.85 -10.51
N SER D 26 -2.93 -49.07 -9.47
CA SER D 26 -1.85 -50.04 -9.43
C SER D 26 -2.38 -51.49 -9.44
N LYS D 27 -3.50 -51.76 -8.76
CA LYS D 27 -4.10 -53.09 -8.64
C LYS D 27 -5.31 -53.30 -9.57
N ASP D 28 -5.82 -52.20 -10.16
CA ASP D 28 -7.09 -52.17 -10.90
C ASP D 28 -8.28 -52.66 -10.07
N GLN D 29 -8.23 -52.36 -8.78
CA GLN D 29 -9.27 -52.76 -7.89
C GLN D 29 -9.40 -51.82 -6.73
N PHE D 30 -10.62 -51.44 -6.41
CA PHE D 30 -10.82 -50.71 -5.17
C PHE D 30 -10.85 -51.74 -4.05
N PRO D 31 -10.07 -51.54 -2.99
CA PRO D 31 -10.09 -52.55 -1.92
C PRO D 31 -11.29 -52.36 -1.03
N GLU D 32 -12.27 -53.26 -1.11
CA GLU D 32 -13.57 -53.00 -0.46
C GLU D 32 -13.48 -53.28 1.03
N VAL D 33 -12.87 -54.40 1.38
CA VAL D 33 -12.80 -54.83 2.77
C VAL D 33 -11.93 -53.95 3.68
N TYR D 34 -10.78 -53.49 3.20
CA TYR D 34 -9.84 -52.69 4.01
C TYR D 34 -8.96 -51.87 3.09
N VAL D 35 -8.99 -50.55 3.26
CA VAL D 35 -8.14 -49.70 2.42
C VAL D 35 -6.78 -49.38 3.08
N PRO D 36 -5.70 -49.84 2.44
CA PRO D 36 -4.40 -49.74 3.10
C PRO D 36 -3.90 -48.28 3.29
N THR D 37 -3.12 -48.08 4.35
CA THR D 37 -2.47 -46.80 4.59
C THR D 37 -1.15 -46.71 3.79
N VAL D 38 -0.58 -47.83 3.46
CA VAL D 38 0.76 -47.81 2.92
C VAL D 38 0.85 -48.21 1.44
N PHE D 39 1.49 -47.36 0.65
CA PHE D 39 1.85 -47.63 -0.73
C PHE D 39 3.35 -47.48 -0.86
N GLU D 40 4.02 -48.57 -1.18
CA GLU D 40 5.46 -48.56 -1.35
C GLU D 40 5.78 -48.15 -2.78
N ASN D 41 6.90 -47.44 -2.95
CA ASN D 41 7.39 -47.09 -4.28
C ASN D 41 7.29 -48.36 -5.21
N TYR D 42 6.69 -48.29 -6.40
CA TYR D 42 6.36 -49.51 -7.27
C TYR D 42 6.65 -49.03 -8.65
N VAL D 43 6.94 -49.94 -9.55
CA VAL D 43 6.88 -49.57 -10.96
C VAL D 43 5.65 -50.17 -11.62
N ALA D 44 4.89 -49.37 -12.34
CA ALA D 44 3.73 -49.92 -13.12
C ALA D 44 3.97 -49.81 -14.64
N ASP D 45 3.42 -50.75 -15.38
CA ASP D 45 3.42 -50.67 -16.84
C ASP D 45 2.18 -50.04 -17.36
N ILE D 46 2.36 -49.12 -18.30
CA ILE D 46 1.23 -48.49 -18.92
C ILE D 46 1.54 -48.22 -20.37
N GLU D 47 0.51 -48.05 -21.17
CA GLU D 47 0.66 -47.80 -22.61
C GLU D 47 -0.12 -46.58 -23.00
N VAL D 48 0.49 -45.64 -23.70
CA VAL D 48 -0.28 -44.51 -24.22
C VAL D 48 0.27 -44.09 -25.54
N ASP D 49 -0.63 -43.57 -26.39
CA ASP D 49 -0.30 -43.27 -27.78
C ASP D 49 0.63 -44.34 -28.38
N GLY D 50 0.32 -45.62 -28.19
CA GLY D 50 1.17 -46.71 -28.74
C GLY D 50 2.57 -46.84 -28.15
N LYS D 51 2.84 -46.11 -27.07
CA LYS D 51 4.17 -46.11 -26.45
C LYS D 51 4.09 -46.87 -25.16
N GLN D 52 5.16 -47.58 -24.83
CA GLN D 52 5.22 -48.44 -23.66
C GLN D 52 6.10 -47.83 -22.56
N VAL D 53 5.57 -47.66 -21.35
CA VAL D 53 6.26 -46.91 -20.29
C VAL D 53 6.28 -47.67 -18.98
N GLU D 54 7.44 -47.66 -18.33
CA GLU D 54 7.56 -48.01 -16.93
C GLU D 54 7.39 -46.74 -16.09
N LEU D 55 6.32 -46.70 -15.32
CA LEU D 55 5.95 -45.55 -14.53
C LEU D 55 6.19 -45.86 -13.06
N ALA D 56 7.26 -45.30 -12.54
CA ALA D 56 7.59 -45.32 -11.15
C ALA D 56 6.63 -44.44 -10.36
N LEU D 57 5.92 -45.05 -9.41
CA LEU D 57 4.89 -44.35 -8.63
C LEU D 57 5.37 -44.06 -7.19
N TRP D 58 5.25 -42.79 -6.80
CA TRP D 58 5.67 -42.32 -5.48
C TRP D 58 4.55 -41.66 -4.72
N ASP D 59 4.18 -42.23 -3.57
CA ASP D 59 3.20 -41.64 -2.68
C ASP D 59 3.95 -40.72 -1.73
N THR D 60 3.25 -39.68 -1.25
CA THR D 60 3.82 -38.76 -0.36
C THR D 60 2.97 -38.60 0.89
N ALA D 61 1.99 -39.47 1.05
CA ALA D 61 1.12 -39.33 2.18
C ALA D 61 1.90 -39.53 3.49
N GLY D 62 1.64 -38.61 4.40
CA GLY D 62 2.33 -38.60 5.70
C GLY D 62 3.45 -37.60 5.72
N GLN D 63 3.71 -36.93 4.60
CA GLN D 63 4.79 -35.97 4.46
C GLN D 63 4.32 -34.54 4.52
N GLU D 64 3.02 -34.35 4.65
CA GLU D 64 2.39 -33.01 4.47
C GLU D 64 2.80 -31.97 5.50
N ASP D 65 3.16 -32.40 6.70
CA ASP D 65 3.65 -31.45 7.70
C ASP D 65 5.13 -31.26 7.80
N TYR D 66 5.90 -31.83 6.87
CA TYR D 66 7.35 -31.88 7.09
C TYR D 66 8.00 -31.30 5.90
N ASP D 67 8.24 -30.00 5.92
CA ASP D 67 8.59 -29.38 4.67
C ASP D 67 10.01 -29.56 4.17
N ARG D 68 10.84 -30.27 4.90
CA ARG D 68 12.18 -30.53 4.36
C ARG D 68 12.43 -32.01 4.15
N LEU D 69 11.44 -32.84 4.49
CA LEU D 69 11.36 -34.19 3.95
C LEU D 69 10.66 -34.26 2.62
N ARG D 70 9.53 -33.58 2.44
CA ARG D 70 8.83 -33.63 1.16
C ARG D 70 9.75 -33.44 -0.07
N PRO D 71 10.66 -32.44 -0.05
CA PRO D 71 11.48 -32.19 -1.22
C PRO D 71 12.42 -33.33 -1.61
N LEU D 72 12.62 -34.30 -0.76
CA LEU D 72 13.53 -35.36 -1.03
C LEU D 72 12.94 -36.27 -2.12
N SER D 73 11.63 -36.15 -2.34
CA SER D 73 10.97 -36.94 -3.34
C SER D 73 11.01 -36.29 -4.70
N TYR D 74 11.27 -34.99 -4.78
CA TYR D 74 11.03 -34.31 -6.02
C TYR D 74 12.05 -34.51 -7.15
N PRO D 75 13.33 -34.76 -6.85
CA PRO D 75 14.30 -34.77 -7.96
C PRO D 75 14.02 -35.79 -9.04
N ASP D 76 14.23 -35.41 -10.30
CA ASP D 76 14.00 -36.31 -11.45
C ASP D 76 12.54 -36.71 -11.70
N THR D 77 11.60 -35.98 -11.12
CA THR D 77 10.22 -36.24 -11.38
C THR D 77 9.81 -35.85 -12.82
N ASP D 78 9.06 -36.69 -13.52
CA ASP D 78 8.63 -36.37 -14.91
C ASP D 78 7.25 -35.85 -15.01
N VAL D 79 6.40 -36.19 -14.02
CA VAL D 79 5.06 -35.66 -13.99
C VAL D 79 4.56 -35.64 -12.56
N ILE D 80 3.87 -34.56 -12.19
CA ILE D 80 3.27 -34.41 -10.90
C ILE D 80 1.74 -34.59 -10.95
N LEU D 81 1.22 -35.53 -10.17
CA LEU D 81 -0.18 -35.58 -9.95
C LEU D 81 -0.49 -34.74 -8.75
N MET D 82 -1.15 -33.62 -8.97
CA MET D 82 -1.60 -32.77 -7.88
C MET D 82 -3.08 -32.93 -7.57
N CYS D 83 -3.40 -33.32 -6.35
CA CYS D 83 -4.73 -33.73 -5.97
C CYS D 83 -5.34 -32.80 -4.99
N PHE D 84 -6.63 -32.70 -5.13
CA PHE D 84 -7.52 -32.18 -4.13
C PHE D 84 -8.74 -33.13 -4.11
N SER D 85 -9.63 -32.91 -3.17
CA SER D 85 -10.76 -33.79 -3.04
C SER D 85 -12.05 -33.00 -3.22
N ILE D 86 -12.97 -33.59 -3.96
CA ILE D 86 -14.19 -32.87 -4.36
C ILE D 86 -15.09 -32.61 -3.14
N ASP D 87 -14.99 -33.45 -2.11
CA ASP D 87 -15.70 -33.21 -0.86
C ASP D 87 -15.00 -32.18 0.05
N SER D 88 -14.04 -31.42 -0.49
CA SER D 88 -13.24 -30.54 0.34
C SER D 88 -12.70 -29.37 -0.46
N PRO D 89 -13.42 -28.26 -0.44
CA PRO D 89 -12.92 -27.04 -1.12
C PRO D 89 -11.72 -26.40 -0.44
N ASP D 90 -11.48 -26.76 0.82
CA ASP D 90 -10.29 -26.29 1.51
C ASP D 90 -9.09 -26.91 0.82
N SER D 91 -9.15 -28.22 0.59
CA SER D 91 -8.09 -28.93 -0.13
C SER D 91 -7.83 -28.31 -1.47
N LEU D 92 -8.87 -27.82 -2.11
CA LEU D 92 -8.71 -27.13 -3.39
C LEU D 92 -7.98 -25.83 -3.24
N GLU D 93 -8.30 -25.11 -2.16
CA GLU D 93 -7.67 -23.83 -1.93
C GLU D 93 -6.18 -23.96 -1.64
N ASN D 94 -5.78 -25.04 -0.99
CA ASN D 94 -4.38 -25.36 -0.86
C ASN D 94 -3.64 -25.69 -2.12
N ILE D 95 -4.34 -25.87 -3.23
CA ILE D 95 -3.64 -26.12 -4.47
C ILE D 95 -2.75 -24.94 -4.83
N PRO D 96 -3.31 -23.72 -4.89
CA PRO D 96 -2.46 -22.57 -5.17
C PRO D 96 -1.71 -22.07 -3.94
N GLU D 97 -2.26 -22.26 -2.75
CA GLU D 97 -1.67 -21.70 -1.56
C GLU D 97 -0.49 -22.49 -1.07
N LYS D 98 -0.55 -23.82 -1.20
CA LYS D 98 0.51 -24.66 -0.73
C LYS D 98 1.24 -25.43 -1.81
N TRP D 99 0.53 -26.22 -2.60
CA TRP D 99 1.19 -27.21 -3.44
C TRP D 99 1.81 -26.66 -4.71
N THR D 100 1.12 -25.76 -5.39
CA THR D 100 1.64 -25.27 -6.64
C THR D 100 3.02 -24.58 -6.49
N PRO D 101 3.13 -23.69 -5.52
CA PRO D 101 4.41 -22.99 -5.42
C PRO D 101 5.56 -23.93 -5.11
N GLU D 102 5.30 -24.91 -4.26
CA GLU D 102 6.33 -25.83 -3.84
C GLU D 102 6.80 -26.64 -5.06
N VAL D 103 5.82 -27.18 -5.76
CA VAL D 103 6.08 -27.91 -6.99
C VAL D 103 6.73 -27.08 -8.11
N LYS D 104 6.31 -25.84 -8.31
CA LYS D 104 7.04 -25.00 -9.27
C LYS D 104 8.49 -24.69 -8.80
N HIS D 105 8.70 -24.55 -7.51
CA HIS D 105 10.07 -24.33 -7.04
C HIS D 105 10.94 -25.56 -7.21
N PHE D 106 10.45 -26.73 -6.83
CA PHE D 106 11.31 -27.92 -6.80
C PHE D 106 11.27 -28.71 -8.09
N CYS D 107 10.23 -28.48 -8.90
CA CYS D 107 10.16 -29.17 -10.17
C CYS D 107 9.85 -28.17 -11.29
N PRO D 108 10.75 -27.22 -11.52
CA PRO D 108 10.42 -26.30 -12.60
C PRO D 108 10.30 -27.02 -13.96
N ASN D 109 9.32 -26.61 -14.75
CA ASN D 109 9.00 -27.20 -16.07
C ASN D 109 8.52 -28.63 -16.06
N VAL D 110 8.04 -29.12 -14.94
CA VAL D 110 7.55 -30.48 -14.89
C VAL D 110 6.07 -30.29 -15.01
N PRO D 111 5.44 -31.03 -15.91
CA PRO D 111 4.01 -30.88 -16.04
C PRO D 111 3.20 -31.40 -14.84
N ILE D 112 2.10 -30.70 -14.59
CA ILE D 112 1.24 -30.94 -13.47
C ILE D 112 -0.09 -31.41 -14.02
N ILE D 113 -0.59 -32.53 -13.57
CA ILE D 113 -1.95 -32.74 -13.81
C ILE D 113 -2.79 -32.53 -12.55
N LEU D 114 -3.79 -31.67 -12.66
CA LEU D 114 -4.64 -31.41 -11.55
C LEU D 114 -5.73 -32.47 -11.52
N VAL D 115 -5.91 -33.08 -10.36
CA VAL D 115 -6.87 -34.12 -10.17
C VAL D 115 -7.82 -33.87 -9.02
N GLY D 116 -9.11 -34.05 -9.30
CA GLY D 116 -10.17 -33.92 -8.30
C GLY D 116 -10.60 -35.29 -7.95
N ASN D 117 -10.28 -35.75 -6.75
CA ASN D 117 -10.62 -37.13 -6.31
C ASN D 117 -12.00 -37.17 -5.70
N LYS D 118 -12.44 -38.37 -5.36
CA LYS D 118 -13.75 -38.56 -4.72
C LYS D 118 -14.92 -37.92 -5.48
N LYS D 119 -14.86 -38.00 -6.79
CA LYS D 119 -15.96 -37.62 -7.67
C LYS D 119 -17.31 -38.12 -7.14
N ASP D 120 -17.34 -39.36 -6.70
CA ASP D 120 -18.56 -40.01 -6.28
C ASP D 120 -19.21 -39.31 -5.11
N LEU D 121 -18.65 -38.20 -4.65
CA LEU D 121 -19.17 -37.59 -3.44
C LEU D 121 -19.83 -36.26 -3.75
N ARG D 122 -19.73 -35.80 -4.99
CA ARG D 122 -20.33 -34.52 -5.33
C ARG D 122 -21.82 -34.53 -4.98
N ASN D 123 -22.47 -35.66 -5.18
CA ASN D 123 -23.90 -35.76 -4.98
C ASN D 123 -24.26 -36.65 -3.84
N ASP D 124 -23.33 -36.89 -2.92
CA ASP D 124 -23.59 -37.68 -1.74
C ASP D 124 -24.27 -36.76 -0.76
N GLU D 125 -25.35 -37.20 -0.14
CA GLU D 125 -26.11 -36.23 0.62
C GLU D 125 -25.58 -36.08 2.02
N HIS D 126 -25.00 -37.14 2.56
CA HIS D 126 -24.28 -36.98 3.82
C HIS D 126 -23.16 -35.95 3.70
N THR D 127 -22.49 -35.94 2.53
CA THR D 127 -21.44 -34.95 2.26
C THR D 127 -22.03 -33.56 2.21
N ARG D 128 -23.01 -33.40 1.33
CA ARG D 128 -23.65 -32.11 1.08
C ARG D 128 -24.06 -31.39 2.36
N ARG D 129 -24.56 -32.16 3.30
CA ARG D 129 -25.04 -31.64 4.57
C ARG D 129 -23.90 -31.23 5.50
N GLU D 130 -22.90 -32.10 5.61
CA GLU D 130 -21.70 -31.81 6.41
C GLU D 130 -20.97 -30.56 5.91
N LEU D 131 -20.83 -30.40 4.62
CA LEU D 131 -20.23 -29.19 4.10
C LEU D 131 -21.11 -27.97 4.29
N ALA D 132 -22.42 -28.14 4.11
CA ALA D 132 -23.36 -27.03 4.33
C ALA D 132 -23.08 -26.38 5.69
N LYS D 133 -23.06 -27.21 6.73
CA LYS D 133 -22.63 -26.80 8.06
C LYS D 133 -21.43 -25.84 8.19
N MET D 134 -20.47 -25.84 7.26
CA MET D 134 -19.42 -24.80 7.29
C MET D 134 -19.66 -23.74 6.22
N LYS D 135 -20.93 -23.62 5.81
CA LYS D 135 -21.35 -22.73 4.73
C LYS D 135 -20.73 -23.16 3.42
N GLN D 136 -20.51 -24.45 3.26
CA GLN D 136 -19.71 -24.95 2.15
C GLN D 136 -20.42 -26.01 1.32
N GLU D 137 -19.98 -26.15 0.07
CA GLU D 137 -20.46 -27.24 -0.78
C GLU D 137 -19.41 -27.87 -1.69
N PRO D 138 -19.66 -29.09 -2.18
CA PRO D 138 -18.69 -29.81 -2.97
C PRO D 138 -18.18 -29.01 -4.12
N VAL D 139 -16.92 -29.23 -4.48
CA VAL D 139 -16.28 -28.53 -5.60
C VAL D 139 -17.02 -28.86 -6.89
N LYS D 140 -17.14 -27.88 -7.78
CA LYS D 140 -17.81 -28.05 -9.05
C LYS D 140 -16.76 -28.22 -10.12
N PRO D 141 -17.08 -28.93 -11.21
CA PRO D 141 -16.05 -29.22 -12.21
C PRO D 141 -15.44 -27.97 -12.81
N GLU D 142 -16.25 -26.93 -12.96
CA GLU D 142 -15.81 -25.69 -13.60
C GLU D 142 -14.73 -25.00 -12.73
N GLU D 143 -14.89 -25.09 -11.42
CA GLU D 143 -13.93 -24.53 -10.43
C GLU D 143 -12.60 -25.30 -10.51
N GLY D 144 -12.69 -26.62 -10.40
CA GLY D 144 -11.62 -27.50 -10.82
C GLY D 144 -10.93 -27.04 -12.07
N ARG D 145 -11.67 -26.87 -13.16
CA ARG D 145 -10.98 -26.63 -14.42
C ARG D 145 -10.35 -25.27 -14.41
N ASP D 146 -11.00 -24.30 -13.77
CA ASP D 146 -10.43 -22.94 -13.68
C ASP D 146 -9.17 -22.94 -12.85
N MET D 147 -9.18 -23.72 -11.77
CA MET D 147 -7.97 -23.88 -10.98
C MET D 147 -6.87 -24.46 -11.81
N ALA D 148 -7.20 -25.47 -12.63
CA ALA D 148 -6.20 -26.06 -13.52
C ALA D 148 -5.61 -25.02 -14.45
N ASN D 149 -6.45 -24.10 -14.93
CA ASN D 149 -5.96 -23.09 -15.85
C ASN D 149 -5.17 -22.07 -15.09
N ARG D 150 -5.65 -21.71 -13.92
CA ARG D 150 -4.98 -20.69 -13.14
C ARG D 150 -3.53 -21.13 -12.88
N ILE D 151 -3.30 -22.43 -12.66
CA ILE D 151 -1.95 -22.89 -12.36
C ILE D 151 -1.09 -23.42 -13.49
N GLY D 152 -1.57 -23.39 -14.73
CA GLY D 152 -0.75 -23.94 -15.83
C GLY D 152 -0.72 -25.45 -15.84
N ALA D 153 -1.73 -26.05 -15.24
CA ALA D 153 -1.86 -27.51 -15.33
C ALA D 153 -1.90 -27.93 -16.79
N PHE D 154 -1.30 -29.07 -17.09
CA PHE D 154 -1.33 -29.67 -18.39
C PHE D 154 -2.71 -30.24 -18.72
N GLY D 155 -3.44 -30.61 -17.68
CA GLY D 155 -4.78 -31.12 -17.85
C GLY D 155 -5.51 -31.17 -16.54
N TYR D 156 -6.82 -31.28 -16.62
CA TYR D 156 -7.62 -31.54 -15.48
C TYR D 156 -8.38 -32.85 -15.66
N MET D 157 -8.54 -33.59 -14.57
CA MET D 157 -9.22 -34.89 -14.52
C MET D 157 -9.94 -35.05 -13.21
N GLU D 158 -11.15 -35.55 -13.25
CA GLU D 158 -11.83 -35.97 -12.04
C GLU D 158 -11.91 -37.48 -11.98
N CYS D 159 -11.99 -38.02 -10.76
CA CYS D 159 -12.02 -39.45 -10.61
C CYS D 159 -12.57 -39.90 -9.29
N SER D 160 -12.93 -41.18 -9.26
CA SER D 160 -13.38 -41.79 -8.04
C SER D 160 -12.68 -43.11 -7.84
N ALA D 161 -11.88 -43.21 -6.79
CA ALA D 161 -11.23 -44.48 -6.52
C ALA D 161 -12.25 -45.58 -6.27
N LYS D 162 -13.33 -45.20 -5.61
CA LYS D 162 -14.29 -46.19 -5.23
C LYS D 162 -14.85 -46.92 -6.45
N THR D 163 -15.27 -46.17 -7.46
CA THR D 163 -15.89 -46.79 -8.62
C THR D 163 -14.82 -47.09 -9.65
N LYS D 164 -13.63 -46.52 -9.47
CA LYS D 164 -12.55 -46.65 -10.48
C LYS D 164 -12.74 -45.73 -11.67
N ASP D 165 -13.84 -45.03 -11.69
CA ASP D 165 -14.10 -44.17 -12.81
C ASP D 165 -13.08 -43.05 -12.88
N GLY D 166 -12.47 -42.86 -14.05
CA GLY D 166 -11.45 -41.80 -14.28
C GLY D 166 -10.00 -42.20 -13.95
N VAL D 167 -9.81 -43.29 -13.24
CA VAL D 167 -8.51 -43.56 -12.61
C VAL D 167 -7.49 -43.88 -13.68
N ARG D 168 -7.79 -44.87 -14.49
CA ARG D 168 -6.96 -45.17 -15.64
C ARG D 168 -6.59 -43.90 -16.39
N GLU D 169 -7.59 -43.08 -16.69
CA GLU D 169 -7.41 -41.92 -17.54
C GLU D 169 -6.47 -40.89 -16.92
N VAL D 170 -6.52 -40.74 -15.61
CA VAL D 170 -5.63 -39.83 -14.91
C VAL D 170 -4.20 -40.22 -15.15
N PHE D 171 -3.89 -41.50 -14.99
CA PHE D 171 -2.52 -41.94 -15.14
C PHE D 171 -2.09 -41.87 -16.59
N GLU D 172 -3.00 -42.17 -17.48
CA GLU D 172 -2.70 -42.14 -18.89
C GLU D 172 -2.43 -40.69 -19.31
N MET D 173 -3.22 -39.73 -18.84
CA MET D 173 -2.89 -38.33 -19.10
C MET D 173 -1.52 -37.96 -18.50
N ALA D 174 -1.28 -38.38 -17.26
CA ALA D 174 -0.01 -38.10 -16.60
C ALA D 174 1.11 -38.54 -17.52
N THR D 175 0.97 -39.73 -18.07
CA THR D 175 2.04 -40.31 -18.84
C THR D 175 2.19 -39.58 -20.20
N ARG D 176 1.10 -39.28 -20.87
CA ARG D 176 1.27 -38.39 -22.04
C ARG D 176 2.00 -37.11 -21.66
N ALA D 177 1.66 -36.52 -20.52
CA ALA D 177 2.31 -35.28 -20.13
C ALA D 177 3.79 -35.55 -19.95
N ALA D 178 4.12 -36.71 -19.39
CA ALA D 178 5.48 -37.03 -19.09
C ALA D 178 6.28 -37.18 -20.36
N LEU D 179 5.63 -37.63 -21.43
CA LEU D 179 6.31 -37.94 -22.68
C LEU D 179 6.60 -36.72 -23.52
N GLN D 180 6.02 -35.59 -23.18
CA GLN D 180 6.02 -34.50 -24.10
C GLN D 180 7.36 -33.78 -24.13
C1 GOL E . 1.94 59.51 8.67
O1 GOL E . 2.04 59.10 7.31
C2 GOL E . 1.56 58.35 9.61
O2 GOL E . 0.53 58.90 10.41
C3 GOL E . 1.11 57.03 8.96
O3 GOL E . -0.32 56.86 8.82
C1 GOL F . -9.12 23.61 0.71
O1 GOL F . -8.70 23.61 2.10
C2 GOL F . -8.37 22.64 -0.20
O2 GOL F . -8.23 23.19 -1.54
C3 GOL F . -6.98 22.36 0.38
O3 GOL F . -6.41 21.18 -0.20
OAW RA0 G . -5.09 40.78 -12.58
CAV RA0 G . -3.94 40.39 -12.63
OAX RA0 G . -3.54 39.25 -12.38
CAU RA0 G . -3.04 41.46 -13.01
CAT RA0 G . -3.48 42.00 -14.40
CAR RA0 G . -2.53 41.84 -15.38
CAS RA0 G . -2.62 42.65 -16.49
CAQ RA0 G . -1.50 40.88 -15.33
CAP RA0 G . -0.59 40.73 -16.33
CAO RA0 G . -0.70 41.56 -17.41
CAL RA0 G . -1.70 42.50 -17.52
NAK RA0 G . -1.71 43.26 -18.64
CAM RA0 G . -1.19 44.64 -18.66
CAN RA0 G . -0.13 44.87 -17.58
CAI RA0 G . -2.22 42.70 -19.76
NAJ RA0 G . -1.47 42.50 -20.86
CAF RA0 G . -1.96 41.97 -21.98
CAA RA0 G . -1.14 41.75 -23.08
CAB RA0 G . -1.60 41.20 -24.24
CAC RA0 G . -2.96 40.86 -24.30
CAD RA0 G . -3.79 41.06 -23.22
CAE RA0 G . -3.28 41.62 -22.07
CAG RA0 G . -4.07 41.82 -20.96
CAH RA0 G . -3.55 42.36 -19.82
C1 GOL H . 12.77 -51.95 19.79
O1 GOL H . 12.85 -52.43 18.43
C2 GOL H . 12.74 -53.17 20.68
O2 GOL H . 13.94 -53.95 20.54
C3 GOL H . 11.59 -54.00 20.12
O3 GOL H . 11.19 -54.99 21.04
OAW RA0 I . -4.24 -39.23 1.36
CAV RA0 I . -3.89 -40.41 1.35
OAX RA0 I . -2.89 -40.83 0.81
CAU RA0 I . -4.73 -41.46 1.99
CAT RA0 I . -5.82 -42.05 1.03
CAR RA0 I . -7.09 -41.68 1.44
CAS RA0 I . -8.15 -42.51 1.16
CAQ RA0 I . -7.40 -40.48 2.11
CAP RA0 I . -8.67 -40.12 2.47
CAO RA0 I . -9.67 -40.98 2.21
CAL RA0 I . -9.41 -42.16 1.56
NAK RA0 I . -10.44 -42.93 1.30
CAM RA0 I . -10.99 -43.92 2.22
CAN RA0 I . -9.92 -44.49 3.14
CAI RA0 I . -10.96 -42.71 0.12
NAJ RA0 I . -12.26 -42.86 -0.10
CAF RA0 I . -12.77 -42.62 -1.30
CAA RA0 I . -14.12 -42.80 -1.49
CAB RA0 I . -14.65 -42.52 -2.71
CAC RA0 I . -13.84 -42.10 -3.74
CAD RA0 I . -12.51 -41.91 -3.53
CAE RA0 I . -11.97 -42.18 -2.30
CAG RA0 I . -10.63 -42.00 -2.09
CAH RA0 I . -10.10 -42.26 -0.86
#